data_3C9F
#
_entry.id   3C9F
#
_cell.length_a   103.946
_cell.length_b   106.740
_cell.length_c   150.656
_cell.angle_alpha   90.00
_cell.angle_beta   90.00
_cell.angle_gamma   90.00
#
_symmetry.space_group_name_H-M   'P 21 21 21'
#
loop_
_entity.id
_entity.type
_entity.pdbx_description
1 polymer "5'-nucleotidase"
2 non-polymer 'ZINC ION'
3 non-polymer 'SODIUM ION'
4 non-polymer 'FORMIC ACID'
5 water water
#
_entity_poly.entity_id   1
_entity_poly.type   'polypeptide(L)'
_entity_poly.pdbx_seq_one_letter_code
;MSLASFPHRNLTWNDINFVHTTDTHGWYSGHINQPLYHANWGDFISFTTHMRRIAHSRNQDLLLIDSGDRHDGNGLSDIT
SPNGLKSTPIFIKQDYDLLTIGNHELYLWENSKQEYETVVNHFQDKYVCSNVDIRLDNGLFVPLGLKYKYFTTPIRGIRV
MAFGFLFDFKRFNSGTRVTPMAETIHEPWFQEALKHEVDLIIIVGHTPISHNWGEFYQVHQYLRQFFPDTIIQYFGGHSH
IRDFTVFDSLSTGLQSGRYCETVGWTSVNLDKADLNLPVRQRFSRSYIDFNTDSFKYHTNLDKEFDTAKGKLVSKLIRET
RKELKLDTLIGYVKTNYYVDYVPIDHPKSIFNLLALKILKTLPKSKHEERITIINTGSIRYDLYKGPYTIDSKFIVSPFE
NIWVNITVPKSVATKVAAKLNDADYISASRLKPPHQYDLQVQDLSTSPHQAHFEMQEKLPKGYVTHDDFGADGDDTLHRA
VVNFPVPNVIQSVEINDEVDSPVNLVFYSFITPNIIWALKELNFSTEQVPTPYSDIYLGTLLNEFVANNEGHHHHHH
;
_entity_poly.pdbx_strand_id   A,B
#
# COMPACT_ATOMS: atom_id res chain seq x y z
N SER A 5 -47.94 -5.91 -6.57
CA SER A 5 -49.30 -5.99 -7.16
C SER A 5 -49.99 -4.61 -7.18
N PHE A 6 -49.34 -3.63 -7.79
CA PHE A 6 -49.76 -2.20 -7.75
C PHE A 6 -50.05 -1.63 -9.16
N PRO A 7 -50.81 -0.51 -9.23
CA PRO A 7 -50.91 0.14 -10.55
C PRO A 7 -49.62 0.89 -10.89
N HIS A 8 -49.22 0.79 -12.16
CA HIS A 8 -47.96 1.35 -12.61
C HIS A 8 -48.15 2.40 -13.68
N ARG A 9 -47.27 3.38 -13.69
CA ARG A 9 -47.18 4.32 -14.79
C ARG A 9 -46.39 3.69 -15.93
N ASN A 10 -46.74 4.03 -17.16
CA ASN A 10 -46.11 3.45 -18.34
C ASN A 10 -44.81 4.14 -18.67
N LEU A 11 -43.82 3.36 -19.12
CA LEU A 11 -42.61 3.96 -19.68
C LEU A 11 -42.90 4.54 -21.05
N THR A 12 -42.30 5.67 -21.35
CA THR A 12 -42.28 6.19 -22.70
C THR A 12 -40.97 5.74 -23.35
N TRP A 13 -41.07 4.89 -24.36
CA TRP A 13 -39.92 4.52 -25.17
C TRP A 13 -39.70 5.52 -26.28
N ASN A 14 -38.53 5.48 -26.91
CA ASN A 14 -38.17 6.39 -28.01
C ASN A 14 -36.93 5.89 -28.76
N ASP A 15 -36.38 6.74 -29.64
CA ASP A 15 -35.27 6.39 -30.55
C ASP A 15 -34.15 5.61 -29.85
N ILE A 16 -33.61 6.24 -28.81
CA ILE A 16 -32.61 5.63 -27.93
C ILE A 16 -33.15 5.60 -26.50
N ASN A 17 -33.08 4.42 -25.88
CA ASN A 17 -33.56 4.22 -24.52
C ASN A 17 -32.37 3.97 -23.59
N PHE A 18 -32.49 4.41 -22.34
CA PHE A 18 -31.41 4.28 -21.36
C PHE A 18 -31.92 3.65 -20.10
N VAL A 19 -31.22 2.61 -19.65
CA VAL A 19 -31.43 1.98 -18.36
C VAL A 19 -30.21 2.35 -17.50
N HIS A 20 -30.46 2.92 -16.32
CA HIS A 20 -29.39 3.53 -15.51
C HIS A 20 -29.37 3.03 -14.08
N THR A 21 -28.18 2.65 -13.63
CA THR A 21 -27.96 2.36 -12.21
C THR A 21 -26.83 3.22 -11.64
N THR A 22 -26.88 3.45 -10.33
CA THR A 22 -25.85 4.22 -9.64
C THR A 22 -25.96 3.93 -8.16
N ASP A 23 -24.85 4.09 -7.44
CA ASP A 23 -24.84 3.94 -5.98
C ASP A 23 -25.48 2.65 -5.50
N THR A 24 -25.16 1.55 -6.18
CA THR A 24 -25.70 0.24 -5.86
C THR A 24 -25.17 -0.26 -4.52
N HIS A 25 -23.93 0.12 -4.21
CA HIS A 25 -23.25 -0.20 -2.95
C HIS A 25 -23.35 -1.68 -2.53
N GLY A 26 -23.24 -2.56 -3.52
CA GLY A 26 -23.22 -4.00 -3.28
C GLY A 26 -24.56 -4.67 -2.96
N TRP A 27 -25.66 -3.96 -3.17
CA TRP A 27 -27.01 -4.47 -2.86
C TRP A 27 -27.61 -5.45 -3.90
N TYR A 28 -26.80 -6.38 -4.42
CA TYR A 28 -27.19 -7.24 -5.57
C TYR A 28 -28.09 -8.40 -5.19
N SER A 29 -28.25 -8.63 -3.89
CA SER A 29 -29.12 -9.69 -3.34
C SER A 29 -30.58 -9.30 -3.21
N GLY A 30 -30.89 -8.03 -3.43
CA GLY A 30 -32.20 -7.48 -3.07
C GLY A 30 -32.35 -7.12 -1.60
N HIS A 31 -33.48 -6.49 -1.26
CA HIS A 31 -33.76 -6.01 0.11
C HIS A 31 -34.75 -6.94 0.80
N ILE A 32 -34.42 -7.35 2.03
CA ILE A 32 -35.29 -8.20 2.84
CA ILE A 32 -35.27 -8.21 2.86
C ILE A 32 -36.27 -7.36 3.66
N ASN A 33 -35.82 -6.27 4.24
CA ASN A 33 -36.71 -5.43 5.06
C ASN A 33 -37.57 -4.36 4.35
N GLN A 34 -37.32 -4.14 3.06
CA GLN A 34 -38.18 -3.32 2.19
C GLN A 34 -38.53 -4.12 0.94
N PRO A 35 -39.61 -4.92 1.00
CA PRO A 35 -40.00 -5.85 -0.07
C PRO A 35 -40.39 -5.18 -1.41
N LEU A 36 -40.61 -3.86 -1.39
CA LEU A 36 -40.75 -3.09 -2.63
C LEU A 36 -39.45 -3.09 -3.47
N TYR A 37 -38.35 -3.51 -2.86
CA TYR A 37 -37.03 -3.58 -3.48
C TYR A 37 -36.45 -4.98 -3.38
N HIS A 38 -37.31 -6.00 -3.42
CA HIS A 38 -36.95 -7.39 -3.12
C HIS A 38 -36.11 -8.03 -4.22
N ALA A 39 -36.22 -7.52 -5.45
CA ALA A 39 -35.59 -8.19 -6.60
C ALA A 39 -34.06 -8.20 -6.54
N ASN A 40 -33.46 -9.26 -7.06
CA ASN A 40 -32.01 -9.38 -7.11
C ASN A 40 -31.45 -9.09 -8.50
N TRP A 41 -30.13 -9.22 -8.64
CA TRP A 41 -29.41 -8.83 -9.86
C TRP A 41 -29.78 -9.74 -11.02
N GLY A 42 -30.12 -10.98 -10.69
CA GLY A 42 -30.59 -11.97 -11.67
C GLY A 42 -31.88 -11.51 -12.32
N ASP A 43 -32.84 -11.10 -11.50
CA ASP A 43 -34.10 -10.52 -11.98
C ASP A 43 -33.87 -9.29 -12.84
N PHE A 44 -32.89 -8.47 -12.49
CA PHE A 44 -32.57 -7.27 -13.27
C PHE A 44 -31.92 -7.64 -14.60
N ILE A 45 -31.18 -8.76 -14.60
CA ILE A 45 -30.59 -9.28 -15.84
C ILE A 45 -31.68 -9.85 -16.77
N SER A 46 -32.59 -10.67 -16.23
CA SER A 46 -33.83 -11.03 -16.95
C SER A 46 -34.54 -9.78 -17.49
N PHE A 47 -34.79 -8.81 -16.60
CA PHE A 47 -35.42 -7.54 -16.99
C PHE A 47 -34.81 -6.90 -18.22
N THR A 48 -33.49 -6.67 -18.19
CA THR A 48 -32.87 -5.93 -19.28
C THR A 48 -32.68 -6.76 -20.56
N THR A 49 -32.61 -8.08 -20.41
CA THR A 49 -32.62 -9.00 -21.57
C THR A 49 -33.88 -8.77 -22.40
N HIS A 50 -35.04 -8.80 -21.74
CA HIS A 50 -36.32 -8.53 -22.40
C HIS A 50 -36.42 -7.11 -22.92
N MET A 51 -36.01 -6.13 -22.12
CA MET A 51 -36.13 -4.71 -22.52
C MET A 51 -35.27 -4.33 -23.72
N ARG A 52 -34.15 -5.04 -23.90
CA ARG A 52 -33.28 -4.87 -25.05
CA ARG A 52 -33.32 -4.81 -25.06
C ARG A 52 -33.93 -5.53 -26.25
N ARG A 53 -34.44 -6.75 -26.03
CA ARG A 53 -35.11 -7.52 -27.08
C ARG A 53 -36.36 -6.80 -27.57
N ILE A 54 -37.13 -6.24 -26.64
CA ILE A 54 -38.28 -5.38 -26.97
C ILE A 54 -37.86 -4.15 -27.77
N ALA A 55 -36.78 -3.49 -27.35
CA ALA A 55 -36.36 -2.25 -28.02
C ALA A 55 -35.91 -2.53 -29.44
N HIS A 56 -35.23 -3.65 -29.61
CA HIS A 56 -34.68 -4.04 -30.91
C HIS A 56 -35.80 -4.38 -31.89
N SER A 57 -36.79 -5.13 -31.41
CA SER A 57 -38.00 -5.42 -32.20
C SER A 57 -38.79 -4.17 -32.58
N ARG A 58 -38.60 -3.06 -31.87
CA ARG A 58 -39.21 -1.78 -32.24
C ARG A 58 -38.28 -0.85 -33.02
N ASN A 59 -37.20 -1.40 -33.57
CA ASN A 59 -36.14 -0.62 -34.25
C ASN A 59 -35.62 0.57 -33.42
N GLN A 60 -35.32 0.28 -32.15
CA GLN A 60 -34.82 1.28 -31.23
C GLN A 60 -33.57 0.77 -30.53
N ASP A 61 -32.70 1.71 -30.16
CA ASP A 61 -31.52 1.40 -29.34
C ASP A 61 -31.76 1.48 -27.84
N LEU A 62 -31.07 0.60 -27.10
CA LEU A 62 -31.07 0.63 -25.64
C LEU A 62 -29.65 0.43 -25.09
N LEU A 63 -29.27 1.30 -24.16
CA LEU A 63 -27.95 1.29 -23.51
C LEU A 63 -28.09 1.19 -22.01
N LEU A 64 -27.26 0.35 -21.40
CA LEU A 64 -27.20 0.24 -19.95
C LEU A 64 -26.00 1.03 -19.46
N ILE A 65 -26.23 1.81 -18.41
CA ILE A 65 -25.24 2.75 -17.90
C ILE A 65 -25.16 2.60 -16.37
N ASP A 66 -23.95 2.53 -15.81
CA ASP A 66 -23.74 2.59 -14.35
C ASP A 66 -22.78 3.72 -13.94
N SER A 67 -23.16 4.48 -12.90
CA SER A 67 -22.39 5.66 -12.48
C SER A 67 -21.53 5.45 -11.20
N GLY A 68 -21.26 4.19 -10.83
CA GLY A 68 -20.25 3.90 -9.79
C GLY A 68 -20.77 3.68 -8.37
N ASP A 69 -19.83 3.63 -7.42
CA ASP A 69 -20.02 3.28 -5.99
C ASP A 69 -20.70 1.92 -5.82
N ARG A 70 -19.91 0.85 -5.91
CA ARG A 70 -20.43 -0.50 -5.97
C ARG A 70 -20.12 -1.34 -4.74
N HIS A 71 -19.60 -0.68 -3.71
CA HIS A 71 -19.41 -1.32 -2.42
C HIS A 71 -19.51 -0.30 -1.30
N ASP A 72 -19.30 -0.76 -0.05
CA ASP A 72 -19.49 0.02 1.17
C ASP A 72 -20.98 0.22 1.47
N GLY A 73 -21.62 -0.84 1.95
CA GLY A 73 -23.01 -0.73 2.36
C GLY A 73 -23.73 -2.06 2.35
N ASN A 74 -22.97 -3.13 2.17
CA ASN A 74 -23.60 -4.45 2.10
C ASN A 74 -22.61 -5.54 2.40
N GLY A 75 -23.06 -6.58 3.10
CA GLY A 75 -22.20 -7.72 3.40
C GLY A 75 -21.61 -8.41 2.18
N LEU A 76 -22.38 -8.47 1.10
CA LEU A 76 -21.98 -9.15 -0.13
C LEU A 76 -20.68 -8.59 -0.69
N SER A 77 -20.53 -7.27 -0.59
CA SER A 77 -19.32 -6.61 -1.04
C SER A 77 -18.28 -6.37 0.08
N ASP A 78 -18.73 -6.20 1.31
CA ASP A 78 -17.86 -5.67 2.37
C ASP A 78 -17.20 -6.70 3.28
N ILE A 79 -17.71 -7.94 3.29
CA ILE A 79 -17.19 -8.98 4.21
C ILE A 79 -15.82 -9.52 3.77
N THR A 80 -15.52 -9.36 2.49
CA THR A 80 -14.27 -9.84 1.91
C THR A 80 -13.15 -8.80 2.02
N SER A 81 -11.90 -9.24 2.07
CA SER A 81 -10.77 -8.31 1.90
C SER A 81 -10.00 -8.69 0.63
N PRO A 82 -9.93 -7.78 -0.36
CA PRO A 82 -10.54 -6.45 -0.34
C PRO A 82 -12.04 -6.50 -0.61
N ASN A 83 -12.72 -5.36 -0.42
CA ASN A 83 -14.13 -5.25 -0.76
C ASN A 83 -14.40 -5.62 -2.20
N GLY A 84 -15.52 -6.30 -2.44
CA GLY A 84 -15.98 -6.52 -3.81
C GLY A 84 -15.45 -7.77 -4.46
N LEU A 85 -14.67 -8.56 -3.73
CA LEU A 85 -14.10 -9.78 -4.26
C LEU A 85 -15.17 -10.80 -4.71
N LYS A 86 -16.29 -10.84 -4.00
CA LYS A 86 -17.36 -11.77 -4.32
C LYS A 86 -18.61 -11.12 -4.92
N SER A 87 -18.72 -9.80 -4.78
CA SER A 87 -19.84 -9.07 -5.37
C SER A 87 -19.58 -8.64 -6.82
N THR A 88 -18.35 -8.28 -7.14
CA THR A 88 -17.96 -7.97 -8.52
C THR A 88 -18.29 -9.06 -9.55
N PRO A 89 -17.95 -10.34 -9.26
CA PRO A 89 -18.40 -11.39 -10.19
C PRO A 89 -19.90 -11.36 -10.48
N ILE A 90 -20.70 -11.00 -9.47
CA ILE A 90 -22.15 -10.85 -9.66
C ILE A 90 -22.50 -9.61 -10.49
N PHE A 91 -21.92 -8.45 -10.14
CA PHE A 91 -22.18 -7.21 -10.84
C PHE A 91 -21.91 -7.28 -12.34
N ILE A 92 -20.71 -7.73 -12.70
CA ILE A 92 -20.24 -7.79 -14.09
C ILE A 92 -21.01 -8.77 -14.99
N LYS A 93 -21.89 -9.58 -14.41
CA LYS A 93 -22.78 -10.45 -15.18
C LYS A 93 -23.80 -9.62 -15.96
N GLN A 94 -24.04 -8.40 -15.52
CA GLN A 94 -24.85 -7.45 -16.26
C GLN A 94 -24.06 -6.81 -17.44
N ASP A 95 -24.78 -6.63 -18.54
CA ASP A 95 -24.24 -6.30 -19.85
C ASP A 95 -24.17 -4.78 -20.05
N TYR A 96 -23.39 -4.08 -19.21
CA TYR A 96 -23.30 -2.60 -19.31
C TYR A 96 -22.69 -2.13 -20.61
N ASP A 97 -23.16 -0.98 -21.07
CA ASP A 97 -22.65 -0.33 -22.27
C ASP A 97 -21.71 0.83 -21.94
N LEU A 98 -21.95 1.49 -20.83
CA LEU A 98 -21.04 2.51 -20.33
C LEU A 98 -21.03 2.46 -18.80
N LEU A 99 -19.86 2.64 -18.22
CA LEU A 99 -19.75 2.75 -16.77
C LEU A 99 -18.55 3.56 -16.35
N THR A 100 -18.60 4.05 -15.12
CA THR A 100 -17.54 4.89 -14.61
C THR A 100 -17.30 4.58 -13.12
N ILE A 101 -16.37 5.31 -12.51
CA ILE A 101 -15.95 5.04 -11.13
C ILE A 101 -16.66 5.92 -10.12
N GLY A 102 -16.85 5.41 -8.91
CA GLY A 102 -17.33 6.25 -7.84
C GLY A 102 -16.24 6.46 -6.81
N ASN A 103 -16.51 7.29 -5.82
CA ASN A 103 -15.50 7.63 -4.85
C ASN A 103 -15.16 6.48 -3.90
N HIS A 104 -16.12 5.57 -3.68
CA HIS A 104 -15.86 4.38 -2.87
C HIS A 104 -14.93 3.37 -3.50
N GLU A 105 -14.69 3.48 -4.79
CA GLU A 105 -13.66 2.64 -5.38
C GLU A 105 -12.27 3.30 -5.22
N LEU A 106 -12.20 4.45 -4.56
CA LEU A 106 -10.97 5.25 -4.48
C LEU A 106 -10.39 5.54 -3.10
N TYR A 107 -11.08 5.16 -2.03
CA TYR A 107 -10.60 5.51 -0.67
C TYR A 107 -9.32 4.75 -0.32
N LEU A 108 -9.25 3.47 -0.71
CA LEU A 108 -8.07 2.65 -0.40
C LEU A 108 -7.46 2.12 -1.68
N TRP A 109 -6.13 2.04 -1.70
CA TRP A 109 -5.39 1.47 -2.83
C TRP A 109 -5.92 0.10 -3.25
N GLU A 110 -6.16 -0.79 -2.27
CA GLU A 110 -6.62 -2.15 -2.58
C GLU A 110 -7.89 -2.12 -3.43
N ASN A 111 -8.78 -1.16 -3.13
CA ASN A 111 -10.04 -1.02 -3.86
C ASN A 111 -9.85 -0.49 -5.27
N SER A 112 -8.95 0.48 -5.43
CA SER A 112 -8.65 1.07 -6.74
C SER A 112 -7.99 0.07 -7.65
N LYS A 113 -7.04 -0.67 -7.09
CA LYS A 113 -6.35 -1.73 -7.80
C LYS A 113 -7.33 -2.83 -8.22
N GLN A 114 -8.16 -3.30 -7.29
CA GLN A 114 -9.25 -4.23 -7.60
C GLN A 114 -10.12 -3.80 -8.77
N GLU A 115 -10.56 -2.55 -8.70
CA GLU A 115 -11.44 -1.95 -9.70
C GLU A 115 -10.79 -2.03 -11.07
N TYR A 116 -9.56 -1.51 -11.19
CA TYR A 116 -8.77 -1.54 -12.43
C TYR A 116 -8.54 -2.95 -13.00
N GLU A 117 -8.36 -3.94 -12.11
CA GLU A 117 -7.96 -5.29 -12.52
C GLU A 117 -9.14 -6.20 -12.79
N THR A 118 -10.31 -5.87 -12.25
CA THR A 118 -11.46 -6.74 -12.43
C THR A 118 -12.52 -6.09 -13.29
N VAL A 119 -13.07 -4.97 -12.81
CA VAL A 119 -14.17 -4.29 -13.48
C VAL A 119 -13.75 -3.59 -14.79
N VAL A 120 -12.74 -2.72 -14.70
CA VAL A 120 -12.20 -2.05 -15.87
C VAL A 120 -11.64 -3.07 -16.89
N ASN A 121 -10.96 -4.09 -16.40
CA ASN A 121 -10.47 -5.13 -17.29
C ASN A 121 -11.58 -5.90 -18.00
N HIS A 122 -12.67 -6.16 -17.30
CA HIS A 122 -13.81 -6.87 -17.87
C HIS A 122 -14.53 -6.01 -18.91
N PHE A 123 -14.80 -4.75 -18.55
CA PHE A 123 -15.50 -3.82 -19.40
C PHE A 123 -14.49 -2.93 -20.10
N GLN A 124 -13.49 -3.54 -20.72
CA GLN A 124 -12.33 -2.83 -21.27
C GLN A 124 -12.65 -1.57 -22.09
N ASP A 125 -13.48 -1.72 -23.10
CA ASP A 125 -13.81 -0.60 -23.98
C ASP A 125 -15.03 0.20 -23.54
N LYS A 126 -15.63 -0.16 -22.41
CA LYS A 126 -16.88 0.47 -21.96
C LYS A 126 -16.75 1.31 -20.68
N TYR A 127 -15.58 1.23 -20.05
CA TYR A 127 -15.35 1.92 -18.78
C TYR A 127 -14.66 3.26 -19.04
N VAL A 128 -15.40 4.34 -18.80
CA VAL A 128 -14.94 5.66 -19.15
C VAL A 128 -14.71 6.54 -17.94
N CYS A 129 -13.48 7.00 -17.78
CA CYS A 129 -13.07 7.93 -16.74
CA CYS A 129 -13.12 7.94 -16.72
C CYS A 129 -12.22 8.97 -17.41
N SER A 130 -12.71 10.21 -17.45
CA SER A 130 -11.99 11.31 -18.08
C SER A 130 -11.08 12.08 -17.11
N ASN A 131 -11.35 11.98 -15.80
CA ASN A 131 -10.63 12.80 -14.85
C ASN A 131 -10.03 12.03 -13.64
N VAL A 132 -9.82 10.72 -13.77
CA VAL A 132 -9.18 9.91 -12.73
C VAL A 132 -8.05 9.11 -13.33
N ASP A 133 -6.87 9.24 -12.73
CA ASP A 133 -5.69 8.45 -13.11
C ASP A 133 -5.34 7.43 -12.01
N ILE A 134 -4.68 6.34 -12.41
CA ILE A 134 -4.18 5.34 -11.48
C ILE A 134 -2.66 5.10 -11.66
N ARG A 135 -1.98 4.75 -10.57
CA ARG A 135 -0.56 4.45 -10.57
C ARG A 135 -0.30 3.02 -10.99
N LEU A 136 0.47 2.86 -12.05
CA LEU A 136 0.99 1.57 -12.45
C LEU A 136 2.10 1.16 -11.49
N ASP A 137 2.41 -0.11 -11.45
CA ASP A 137 3.42 -0.62 -10.51
C ASP A 137 4.78 0.03 -10.71
N ASN A 138 5.08 0.46 -11.94
CA ASN A 138 6.33 1.16 -12.23
C ASN A 138 6.39 2.63 -11.76
N GLY A 139 5.29 3.14 -11.22
CA GLY A 139 5.24 4.45 -10.61
C GLY A 139 4.67 5.55 -11.49
N LEU A 140 4.41 5.20 -12.76
CA LEU A 140 3.85 6.15 -13.71
C LEU A 140 2.32 6.03 -13.60
N PHE A 141 1.61 7.05 -14.07
CA PHE A 141 0.16 7.12 -13.96
C PHE A 141 -0.48 6.97 -15.34
N VAL A 142 -1.62 6.28 -15.39
CA VAL A 142 -2.39 6.08 -16.61
C VAL A 142 -3.86 6.40 -16.31
N PRO A 143 -4.68 6.71 -17.35
CA PRO A 143 -6.10 6.88 -17.06
C PRO A 143 -6.69 5.59 -16.48
N LEU A 144 -7.56 5.74 -15.50
CA LEU A 144 -8.25 4.57 -14.95
C LEU A 144 -9.40 4.22 -15.88
N GLY A 145 -9.13 3.49 -16.95
CA GLY A 145 -10.14 3.29 -18.01
C GLY A 145 -9.92 4.21 -19.22
N LEU A 146 -10.95 4.39 -20.04
CA LEU A 146 -10.85 5.25 -21.24
C LEU A 146 -11.12 6.69 -20.89
N LYS A 147 -10.39 7.61 -21.52
CA LYS A 147 -10.65 9.02 -21.30
C LYS A 147 -11.93 9.48 -21.99
N TYR A 148 -12.27 8.80 -23.09
CA TYR A 148 -13.55 8.96 -23.78
C TYR A 148 -13.80 7.78 -24.70
N LYS A 149 -15.04 7.62 -25.15
CA LYS A 149 -15.41 6.55 -26.08
C LYS A 149 -16.21 7.11 -27.26
N TYR A 150 -15.78 6.80 -28.47
CA TYR A 150 -16.52 7.16 -29.69
C TYR A 150 -17.04 5.87 -30.30
N PHE A 151 -18.35 5.83 -30.55
CA PHE A 151 -19.00 4.61 -31.06
C PHE A 151 -20.31 4.87 -31.81
N THR A 152 -20.82 3.84 -32.48
CA THR A 152 -22.10 3.89 -33.16
C THR A 152 -23.01 2.76 -32.66
N THR A 153 -24.27 3.09 -32.37
CA THR A 153 -25.23 2.12 -31.84
C THR A 153 -25.60 1.05 -32.89
N PRO A 154 -25.90 -0.19 -32.47
CA PRO A 154 -26.03 -1.24 -33.49
C PRO A 154 -27.36 -1.25 -34.29
N ILE A 155 -28.40 -0.60 -33.79
CA ILE A 155 -29.72 -0.63 -34.44
C ILE A 155 -29.92 0.58 -35.35
N ARG A 156 -29.65 1.77 -34.83
CA ARG A 156 -29.97 2.98 -35.55
C ARG A 156 -28.75 3.79 -35.98
N GLY A 157 -27.56 3.20 -35.80
CA GLY A 157 -26.29 3.83 -36.21
C GLY A 157 -26.05 5.25 -35.72
N ILE A 158 -26.53 5.53 -34.50
CA ILE A 158 -26.34 6.82 -33.84
C ILE A 158 -24.86 7.00 -33.48
N ARG A 159 -24.28 8.14 -33.85
CA ARG A 159 -22.88 8.37 -33.57
C ARG A 159 -22.79 9.05 -32.23
N VAL A 160 -22.22 8.35 -31.25
CA VAL A 160 -22.15 8.91 -29.91
C VAL A 160 -20.73 9.02 -29.35
N MET A 161 -20.48 10.15 -28.67
CA MET A 161 -19.29 10.32 -27.86
C MET A 161 -19.60 10.40 -26.35
N ALA A 162 -18.88 9.61 -25.56
CA ALA A 162 -19.10 9.54 -24.11
C ALA A 162 -17.87 9.98 -23.29
N PHE A 163 -18.11 10.75 -22.25
CA PHE A 163 -17.07 11.12 -21.28
C PHE A 163 -17.51 10.65 -19.90
N GLY A 164 -16.56 10.56 -18.96
CA GLY A 164 -16.86 10.11 -17.59
C GLY A 164 -16.23 11.04 -16.59
N PHE A 165 -17.02 11.57 -15.68
CA PHE A 165 -16.53 12.59 -14.76
C PHE A 165 -16.91 12.30 -13.30
N LEU A 166 -15.90 12.01 -12.47
CA LEU A 166 -16.10 11.96 -11.04
C LEU A 166 -16.24 13.38 -10.48
N PHE A 167 -17.04 13.54 -9.42
CA PHE A 167 -17.13 14.83 -8.73
C PHE A 167 -15.78 15.24 -8.13
N ASP A 168 -15.71 16.48 -7.68
CA ASP A 168 -14.51 17.06 -7.09
C ASP A 168 -14.23 16.44 -5.72
N PHE A 169 -13.72 15.20 -5.77
CA PHE A 169 -13.53 14.37 -4.61
C PHE A 169 -12.11 14.57 -4.09
N LYS A 170 -11.99 14.74 -2.78
CA LYS A 170 -10.74 15.12 -2.14
C LYS A 170 -9.98 13.98 -1.45
N ARG A 171 -10.68 12.89 -1.08
CA ARG A 171 -10.08 11.87 -0.22
C ARG A 171 -9.64 10.63 -1.00
N PHE A 172 -9.16 10.79 -2.22
CA PHE A 172 -8.71 9.64 -2.97
C PHE A 172 -7.36 9.20 -2.42
N ASN A 173 -7.06 7.91 -2.50
CA ASN A 173 -5.75 7.42 -2.04
C ASN A 173 -4.69 7.86 -3.02
N SER A 174 -3.45 7.98 -2.53
CA SER A 174 -2.37 8.60 -3.30
CA SER A 174 -2.40 8.61 -3.32
C SER A 174 -1.81 7.72 -4.43
N GLY A 175 -2.31 6.50 -4.53
CA GLY A 175 -2.05 5.70 -5.75
C GLY A 175 -3.02 6.06 -6.90
N THR A 176 -3.86 7.07 -6.70
CA THR A 176 -4.75 7.59 -7.76
C THR A 176 -4.69 9.11 -7.79
N ARG A 177 -5.19 9.73 -8.87
CA ARG A 177 -5.30 11.21 -8.94
CA ARG A 177 -5.31 11.21 -8.92
C ARG A 177 -6.66 11.58 -9.53
N VAL A 178 -7.39 12.45 -8.84
CA VAL A 178 -8.66 12.98 -9.39
C VAL A 178 -8.34 14.43 -9.76
N THR A 179 -8.78 14.84 -10.95
CA THR A 179 -8.71 16.24 -11.38
C THR A 179 -10.15 16.76 -11.49
N PRO A 180 -10.46 17.93 -10.89
CA PRO A 180 -11.83 18.43 -11.04
C PRO A 180 -12.23 18.61 -12.51
N MET A 181 -13.45 18.21 -12.86
CA MET A 181 -13.92 18.25 -14.26
C MET A 181 -13.83 19.64 -14.89
N ALA A 182 -13.89 20.68 -14.06
CA ALA A 182 -13.71 22.09 -14.49
C ALA A 182 -12.32 22.39 -15.03
N GLU A 183 -11.32 21.62 -14.56
CA GLU A 183 -9.94 21.73 -15.06
C GLU A 183 -9.71 20.75 -16.19
N THR A 184 -10.36 19.59 -16.14
CA THR A 184 -10.20 18.58 -17.20
C THR A 184 -10.61 19.11 -18.59
N ILE A 185 -11.61 19.99 -18.62
CA ILE A 185 -12.16 20.47 -19.89
C ILE A 185 -11.19 21.41 -20.65
N HIS A 186 -10.25 22.01 -19.93
CA HIS A 186 -9.22 22.87 -20.52
C HIS A 186 -7.93 22.16 -20.88
N GLU A 187 -7.91 20.84 -20.72
CA GLU A 187 -6.74 20.05 -21.07
C GLU A 187 -6.71 19.71 -22.56
N PRO A 188 -5.52 19.82 -23.19
CA PRO A 188 -5.22 19.47 -24.59
C PRO A 188 -6.02 18.29 -25.17
N TRP A 189 -5.99 17.12 -24.52
CA TRP A 189 -6.65 15.92 -25.03
C TRP A 189 -8.18 16.11 -25.25
N PHE A 190 -8.80 16.98 -24.44
CA PHE A 190 -10.23 17.14 -24.43
C PHE A 190 -10.69 17.90 -25.68
N GLN A 191 -9.92 18.93 -26.05
CA GLN A 191 -10.13 19.71 -27.29
C GLN A 191 -10.02 18.81 -28.51
N GLU A 192 -9.05 17.90 -28.48
CA GLU A 192 -8.89 16.92 -29.54
C GLU A 192 -10.07 15.96 -29.63
N ALA A 193 -10.68 15.64 -28.48
CA ALA A 193 -11.84 14.75 -28.47
C ALA A 193 -13.07 15.46 -29.02
N LEU A 194 -13.12 16.79 -28.88
CA LEU A 194 -14.25 17.58 -29.37
C LEU A 194 -14.32 17.77 -30.90
N LYS A 195 -13.36 17.21 -31.63
CA LYS A 195 -13.29 17.33 -33.08
C LYS A 195 -14.15 16.32 -33.82
N HIS A 196 -14.66 15.32 -33.10
CA HIS A 196 -15.55 14.32 -33.69
C HIS A 196 -16.92 14.90 -34.07
N GLU A 197 -17.55 14.23 -35.03
CA GLU A 197 -18.92 14.52 -35.47
CA GLU A 197 -18.91 14.57 -35.42
C GLU A 197 -19.86 13.57 -34.74
N VAL A 198 -20.82 14.11 -33.98
CA VAL A 198 -21.70 13.26 -33.18
C VAL A 198 -23.18 13.61 -33.23
N ASP A 199 -24.00 12.57 -33.18
CA ASP A 199 -25.45 12.69 -33.08
C ASP A 199 -25.90 12.82 -31.63
N LEU A 200 -25.09 12.32 -30.69
CA LEU A 200 -25.43 12.28 -29.26
C LEU A 200 -24.17 12.31 -28.40
N ILE A 201 -24.19 13.13 -27.36
CA ILE A 201 -23.13 13.08 -26.34
C ILE A 201 -23.68 12.53 -25.02
N ILE A 202 -23.01 11.52 -24.48
CA ILE A 202 -23.35 10.98 -23.17
C ILE A 202 -22.28 11.42 -22.13
N ILE A 203 -22.73 12.06 -21.06
CA ILE A 203 -21.83 12.35 -19.95
C ILE A 203 -22.27 11.47 -18.79
N VAL A 204 -21.53 10.39 -18.55
CA VAL A 204 -21.74 9.60 -17.32
CA VAL A 204 -21.71 9.59 -17.34
C VAL A 204 -20.86 10.21 -16.24
N GLY A 205 -21.31 10.16 -14.99
CA GLY A 205 -20.50 10.74 -13.94
C GLY A 205 -20.99 10.39 -12.56
N HIS A 206 -20.05 10.03 -11.67
CA HIS A 206 -20.40 9.88 -10.27
C HIS A 206 -20.39 11.27 -9.67
N THR A 207 -21.44 12.04 -9.99
CA THR A 207 -21.56 13.48 -9.67
C THR A 207 -23.07 13.74 -9.58
N PRO A 208 -23.50 14.48 -8.54
CA PRO A 208 -24.94 14.83 -8.48
C PRO A 208 -25.33 15.74 -9.66
N ILE A 209 -26.48 15.48 -10.27
CA ILE A 209 -26.94 16.26 -11.43
C ILE A 209 -27.62 17.56 -11.03
N SER A 210 -27.90 17.72 -9.74
CA SER A 210 -28.51 18.92 -9.16
C SER A 210 -27.84 20.22 -9.59
N HIS A 211 -28.65 21.25 -9.84
CA HIS A 211 -28.10 22.57 -10.16
C HIS A 211 -27.38 23.21 -8.97
N ASN A 212 -27.78 22.81 -7.75
CA ASN A 212 -27.07 23.23 -6.53
C ASN A 212 -25.66 22.66 -6.39
N TRP A 213 -25.41 21.50 -7.02
CA TRP A 213 -24.07 20.93 -7.04
C TRP A 213 -23.18 21.70 -8.00
N GLY A 214 -23.60 21.77 -9.26
CA GLY A 214 -23.06 22.76 -10.19
C GLY A 214 -21.87 22.40 -11.05
N GLU A 215 -21.35 21.19 -10.90
CA GLU A 215 -20.16 20.80 -11.67
C GLU A 215 -20.49 20.47 -13.11
N PHE A 216 -21.53 19.66 -13.31
CA PHE A 216 -21.97 19.27 -14.66
C PHE A 216 -22.38 20.52 -15.49
N TYR A 217 -22.99 21.50 -14.83
CA TYR A 217 -23.35 22.78 -15.46
C TYR A 217 -22.18 23.48 -16.14
N GLN A 218 -21.03 23.55 -15.47
CA GLN A 218 -19.81 24.17 -16.02
C GLN A 218 -19.27 23.40 -17.21
N VAL A 219 -19.43 22.08 -17.19
CA VAL A 219 -19.02 21.25 -18.33
C VAL A 219 -20.00 21.52 -19.48
N HIS A 220 -21.27 21.75 -19.13
CA HIS A 220 -22.32 21.96 -20.12
C HIS A 220 -22.13 23.24 -20.92
N GLN A 221 -21.77 24.33 -20.23
CA GLN A 221 -21.47 25.61 -20.85
C GLN A 221 -20.36 25.47 -21.88
N TYR A 222 -19.32 24.73 -21.51
CA TYR A 222 -18.14 24.58 -22.34
C TYR A 222 -18.45 23.74 -23.57
N LEU A 223 -19.25 22.70 -23.37
CA LEU A 223 -19.64 21.81 -24.46
C LEU A 223 -20.62 22.47 -25.42
N ARG A 224 -21.44 23.40 -24.92
CA ARG A 224 -22.40 24.12 -25.76
C ARG A 224 -21.73 25.12 -26.72
N GLN A 225 -20.53 25.59 -26.36
CA GLN A 225 -19.69 26.42 -27.23
C GLN A 225 -19.28 25.71 -28.52
N PHE A 226 -19.10 24.40 -28.43
CA PHE A 226 -18.56 23.58 -29.51
C PHE A 226 -19.66 22.74 -30.16
N PHE A 227 -20.71 22.44 -29.40
CA PHE A 227 -21.78 21.57 -29.87
C PHE A 227 -23.14 22.21 -29.60
N PRO A 228 -23.45 23.32 -30.32
CA PRO A 228 -24.56 24.19 -29.91
C PRO A 228 -25.94 23.57 -30.13
N ASP A 229 -26.03 22.56 -30.98
CA ASP A 229 -27.31 21.88 -31.19
C ASP A 229 -27.26 20.34 -31.22
N THR A 230 -26.39 19.78 -30.37
CA THR A 230 -26.31 18.32 -30.15
C THR A 230 -27.05 17.96 -28.86
N ILE A 231 -27.76 16.84 -28.88
CA ILE A 231 -28.37 16.30 -27.67
C ILE A 231 -27.26 15.79 -26.74
N ILE A 232 -27.22 16.37 -25.53
CA ILE A 232 -26.28 15.94 -24.49
C ILE A 232 -27.05 15.36 -23.29
N GLN A 233 -26.91 14.05 -23.08
CA GLN A 233 -27.56 13.39 -21.94
C GLN A 233 -26.56 13.09 -20.81
N TYR A 234 -26.92 13.51 -19.59
CA TYR A 234 -26.10 13.30 -18.39
C TYR A 234 -26.66 12.19 -17.54
N PHE A 235 -25.78 11.39 -16.94
CA PHE A 235 -26.18 10.38 -15.98
C PHE A 235 -25.32 10.56 -14.73
N GLY A 236 -25.96 11.00 -13.65
CA GLY A 236 -25.24 11.33 -12.42
C GLY A 236 -25.46 10.34 -11.31
N GLY A 237 -25.03 10.71 -10.11
CA GLY A 237 -25.08 9.82 -8.95
C GLY A 237 -24.55 10.51 -7.72
N HIS A 238 -24.01 9.71 -6.81
CA HIS A 238 -23.34 10.20 -5.58
C HIS A 238 -24.30 10.62 -4.47
N SER A 239 -25.28 11.47 -4.77
CA SER A 239 -26.14 11.99 -3.70
C SER A 239 -27.34 11.13 -3.37
N HIS A 240 -27.44 9.92 -3.94
CA HIS A 240 -28.38 8.87 -3.50
C HIS A 240 -29.88 9.14 -3.76
N ILE A 241 -30.20 10.08 -4.64
CA ILE A 241 -31.60 10.42 -4.89
C ILE A 241 -32.02 10.11 -6.32
N ARG A 242 -33.33 9.89 -6.51
CA ARG A 242 -33.99 9.98 -7.81
C ARG A 242 -34.03 11.46 -8.19
N ASP A 243 -33.52 11.79 -9.37
CA ASP A 243 -33.50 13.18 -9.79
C ASP A 243 -33.44 13.29 -11.30
N PHE A 244 -33.94 14.40 -11.81
CA PHE A 244 -33.98 14.68 -13.22
C PHE A 244 -33.92 16.17 -13.38
N THR A 245 -32.96 16.63 -14.18
N THR A 245 -32.93 16.64 -14.12
CA THR A 245 -32.64 18.06 -14.30
CA THR A 245 -32.72 18.07 -14.31
C THR A 245 -32.54 18.46 -15.77
C THR A 245 -32.77 18.39 -15.80
N VAL A 246 -33.07 19.65 -16.11
CA VAL A 246 -33.04 20.13 -17.49
C VAL A 246 -31.94 21.16 -17.62
N PHE A 247 -31.01 20.93 -18.54
CA PHE A 247 -29.90 21.85 -18.79
C PHE A 247 -30.31 22.87 -19.86
N ASP A 248 -30.99 22.38 -20.90
CA ASP A 248 -31.67 23.20 -21.91
C ASP A 248 -32.64 22.32 -22.71
N SER A 249 -33.18 22.85 -23.80
CA SER A 249 -34.16 22.09 -24.61
C SER A 249 -33.58 20.85 -25.28
N LEU A 250 -32.26 20.83 -25.46
CA LEU A 250 -31.58 19.68 -26.06
C LEU A 250 -30.75 18.85 -25.06
N SER A 251 -30.93 19.12 -23.76
CA SER A 251 -30.08 18.48 -22.73
C SER A 251 -30.71 18.27 -21.35
N THR A 252 -30.74 17.01 -20.91
CA THR A 252 -31.19 16.68 -19.55
C THR A 252 -30.21 15.75 -18.82
N GLY A 253 -30.40 15.62 -17.50
CA GLY A 253 -29.65 14.68 -16.66
C GLY A 253 -30.56 13.76 -15.88
N LEU A 254 -30.17 12.50 -15.75
CA LEU A 254 -30.92 11.54 -14.97
C LEU A 254 -30.05 11.13 -13.76
N GLN A 255 -30.67 10.98 -12.60
CA GLN A 255 -29.99 10.35 -11.46
C GLN A 255 -30.90 9.27 -10.88
N SER A 256 -30.36 8.10 -10.59
CA SER A 256 -31.18 6.92 -10.31
C SER A 256 -31.09 6.30 -8.92
N GLY A 257 -31.07 7.15 -7.90
CA GLY A 257 -31.26 6.65 -6.54
C GLY A 257 -30.06 5.95 -5.94
N ARG A 258 -30.32 4.83 -5.27
CA ARG A 258 -29.32 4.19 -4.44
C ARG A 258 -29.73 2.75 -4.15
N TYR A 259 -28.75 1.93 -3.80
CA TYR A 259 -28.97 0.64 -3.11
C TYR A 259 -29.81 -0.39 -3.86
N CYS A 260 -29.74 -0.37 -5.18
CA CYS A 260 -30.64 -1.17 -6.04
C CYS A 260 -32.10 -1.06 -5.60
N GLU A 261 -32.55 0.16 -5.32
CA GLU A 261 -33.96 0.44 -5.03
C GLU A 261 -34.61 0.93 -6.31
N THR A 262 -33.77 1.44 -7.21
CA THR A 262 -34.24 2.19 -8.35
C THR A 262 -33.51 1.70 -9.59
N VAL A 263 -34.25 1.48 -10.68
CA VAL A 263 -33.67 1.44 -12.02
C VAL A 263 -34.12 2.72 -12.74
N GLY A 264 -33.19 3.55 -13.14
CA GLY A 264 -33.56 4.78 -13.81
C GLY A 264 -33.78 4.51 -15.30
N TRP A 265 -34.69 5.29 -15.88
CA TRP A 265 -35.10 5.16 -17.28
C TRP A 265 -35.11 6.53 -17.90
N THR A 266 -34.58 6.60 -19.11
CA THR A 266 -34.74 7.78 -19.97
C THR A 266 -34.79 7.34 -21.43
N SER A 267 -35.73 7.91 -22.19
CA SER A 267 -35.80 7.72 -23.63
C SER A 267 -35.69 9.07 -24.32
N VAL A 268 -35.01 9.11 -25.45
CA VAL A 268 -34.79 10.36 -26.18
C VAL A 268 -35.19 10.21 -27.67
N ASN A 269 -35.91 11.20 -28.19
CA ASN A 269 -36.19 11.33 -29.62
C ASN A 269 -35.05 12.08 -30.29
N LEU A 270 -34.50 11.49 -31.35
CA LEU A 270 -33.31 12.06 -31.99
C LEU A 270 -33.55 12.78 -33.31
N ASP A 271 -34.81 13.19 -33.57
CA ASP A 271 -35.12 14.10 -34.69
C ASP A 271 -34.41 15.45 -34.51
N LYS A 272 -34.20 16.15 -35.62
CA LYS A 272 -33.32 17.34 -35.67
C LYS A 272 -33.67 18.43 -34.67
N ALA A 273 -32.66 19.23 -34.32
CA ALA A 273 -32.80 20.35 -33.39
C ALA A 273 -33.67 21.48 -33.93
N ASP A 274 -33.74 21.56 -35.26
CA ASP A 274 -34.53 22.56 -36.00
C ASP A 274 -36.04 22.45 -35.74
N LEU A 275 -36.51 21.23 -35.49
CA LEU A 275 -37.94 20.97 -35.25
C LEU A 275 -38.52 21.62 -33.99
N ASN A 276 -37.65 22.21 -33.16
CA ASN A 276 -37.99 22.96 -31.94
C ASN A 276 -38.96 22.27 -30.97
N LEU A 277 -38.69 21.00 -30.70
CA LEU A 277 -39.52 20.17 -29.82
C LEU A 277 -39.55 20.67 -28.38
N PRO A 278 -40.72 20.60 -27.72
CA PRO A 278 -40.74 20.82 -26.28
C PRO A 278 -39.87 19.76 -25.60
N VAL A 279 -39.08 20.18 -24.62
CA VAL A 279 -38.18 19.27 -23.88
C VAL A 279 -38.92 18.03 -23.34
N ARG A 280 -40.18 18.23 -22.89
CA ARG A 280 -41.01 17.14 -22.36
CA ARG A 280 -41.00 17.15 -22.35
C ARG A 280 -41.55 16.21 -23.44
N GLN A 281 -41.50 16.67 -24.69
CA GLN A 281 -41.90 15.81 -25.79
C GLN A 281 -40.68 15.01 -26.27
N ARG A 282 -39.54 15.70 -26.38
CA ARG A 282 -38.27 15.07 -26.75
C ARG A 282 -37.76 14.01 -25.76
N PHE A 283 -37.79 14.34 -24.46
CA PHE A 283 -37.27 13.48 -23.40
C PHE A 283 -38.39 12.95 -22.52
N SER A 284 -38.24 11.72 -22.07
CA SER A 284 -39.08 11.18 -21.02
C SER A 284 -38.25 10.38 -20.01
N ARG A 285 -38.67 10.39 -18.75
CA ARG A 285 -37.98 9.68 -17.69
C ARG A 285 -38.91 8.92 -16.79
N SER A 286 -38.38 7.88 -16.18
CA SER A 286 -39.10 7.14 -15.16
C SER A 286 -38.10 6.59 -14.16
N TYR A 287 -38.58 6.37 -12.94
CA TYR A 287 -37.81 5.67 -11.94
C TYR A 287 -38.57 4.42 -11.60
N ILE A 288 -37.90 3.30 -11.77
CA ILE A 288 -38.55 2.01 -11.64
C ILE A 288 -38.13 1.36 -10.33
N ASP A 289 -39.10 1.02 -9.48
CA ASP A 289 -38.85 0.22 -8.29
C ASP A 289 -38.20 -1.09 -8.67
N PHE A 290 -37.19 -1.48 -7.90
CA PHE A 290 -36.41 -2.65 -8.16
C PHE A 290 -37.13 -3.88 -7.61
N ASN A 291 -38.27 -4.21 -8.22
CA ASN A 291 -39.02 -5.43 -7.90
C ASN A 291 -39.57 -6.05 -9.18
N THR A 292 -39.94 -7.33 -9.10
CA THR A 292 -40.40 -8.07 -10.28
C THR A 292 -41.79 -7.65 -10.75
N ASP A 293 -42.63 -7.17 -9.85
CA ASP A 293 -43.91 -6.58 -10.23
C ASP A 293 -43.68 -5.46 -11.25
N SER A 294 -42.73 -4.57 -10.98
CA SER A 294 -42.37 -3.50 -11.91
C SER A 294 -41.67 -4.02 -13.19
N PHE A 295 -40.79 -5.00 -13.00
CA PHE A 295 -40.01 -5.58 -14.08
C PHE A 295 -40.94 -6.36 -15.04
N LYS A 296 -41.82 -7.19 -14.47
CA LYS A 296 -42.82 -7.97 -15.23
C LYS A 296 -43.80 -7.08 -15.98
N TYR A 297 -44.20 -5.97 -15.35
CA TYR A 297 -45.16 -5.05 -15.94
C TYR A 297 -44.60 -4.34 -17.16
N HIS A 298 -43.38 -3.84 -17.05
CA HIS A 298 -42.81 -3.01 -18.11
C HIS A 298 -42.36 -3.84 -19.32
N THR A 299 -42.10 -5.13 -19.09
CA THR A 299 -41.75 -6.06 -20.16
C THR A 299 -42.99 -6.83 -20.69
N ASN A 300 -44.13 -6.63 -20.03
CA ASN A 300 -45.40 -7.34 -20.33
C ASN A 300 -45.34 -8.86 -20.20
N LEU A 301 -44.43 -9.38 -19.38
CA LEU A 301 -44.26 -10.83 -19.21
C LEU A 301 -44.53 -11.23 -17.76
N ASP A 302 -44.77 -12.52 -17.52
CA ASP A 302 -44.94 -13.04 -16.16
CA ASP A 302 -44.97 -13.05 -16.17
C ASP A 302 -44.36 -14.44 -16.08
N LYS A 303 -45.05 -15.40 -16.71
CA LYS A 303 -44.64 -16.80 -16.77
C LYS A 303 -43.29 -16.90 -17.49
N GLU A 304 -43.15 -16.08 -18.53
CA GLU A 304 -41.97 -16.07 -19.39
C GLU A 304 -40.97 -14.96 -19.05
N PHE A 305 -41.05 -14.43 -17.81
CA PHE A 305 -40.11 -13.40 -17.37
C PHE A 305 -38.73 -13.97 -17.10
N ASP A 306 -38.65 -15.00 -16.25
CA ASP A 306 -37.37 -15.57 -15.88
C ASP A 306 -36.60 -16.13 -17.07
N THR A 307 -35.41 -15.57 -17.30
CA THR A 307 -34.50 -16.09 -18.31
C THR A 307 -33.60 -17.12 -17.63
N ALA A 308 -32.88 -17.91 -18.43
CA ALA A 308 -32.00 -18.93 -17.89
C ALA A 308 -30.73 -18.29 -17.32
N LYS A 309 -30.31 -17.18 -17.94
CA LYS A 309 -29.16 -16.39 -17.48
C LYS A 309 -29.46 -15.74 -16.14
N GLY A 310 -30.60 -15.05 -16.06
CA GLY A 310 -31.09 -14.43 -14.82
C GLY A 310 -31.16 -15.42 -13.68
N LYS A 311 -31.66 -16.62 -13.97
CA LYS A 311 -31.82 -17.66 -12.97
C LYS A 311 -30.48 -18.19 -12.46
N LEU A 312 -29.48 -18.22 -13.36
CA LEU A 312 -28.13 -18.65 -13.01
C LEU A 312 -27.48 -17.65 -12.06
N VAL A 313 -27.62 -16.37 -12.38
CA VAL A 313 -27.11 -15.27 -11.55
C VAL A 313 -27.76 -15.27 -10.15
N SER A 314 -29.07 -15.48 -10.09
CA SER A 314 -29.79 -15.49 -8.83
C SER A 314 -29.30 -16.64 -7.95
N LYS A 315 -29.01 -17.78 -8.59
CA LYS A 315 -28.47 -18.95 -7.90
C LYS A 315 -27.06 -18.67 -7.37
N LEU A 316 -26.25 -18.00 -8.18
CA LEU A 316 -24.89 -17.61 -7.80
C LEU A 316 -24.90 -16.69 -6.58
N ILE A 317 -25.83 -15.73 -6.57
CA ILE A 317 -26.06 -14.87 -5.40
C ILE A 317 -26.35 -15.69 -4.12
N ARG A 318 -27.29 -16.64 -4.21
CA ARG A 318 -27.63 -17.48 -3.05
C ARG A 318 -26.47 -18.35 -2.59
N GLU A 319 -25.72 -18.87 -3.56
CA GLU A 319 -24.54 -19.66 -3.25
C GLU A 319 -23.46 -18.81 -2.58
N THR A 320 -23.29 -17.60 -3.07
CA THR A 320 -22.30 -16.65 -2.55
C THR A 320 -22.66 -16.20 -1.12
N ARG A 321 -23.92 -15.82 -0.90
CA ARG A 321 -24.36 -15.44 0.44
C ARG A 321 -24.20 -16.57 1.45
N LYS A 322 -24.53 -17.79 1.03
CA LYS A 322 -24.40 -18.96 1.90
CA LYS A 322 -24.40 -18.95 1.91
C LYS A 322 -22.95 -19.19 2.27
N GLU A 323 -22.06 -19.12 1.27
CA GLU A 323 -20.64 -19.37 1.54
C GLU A 323 -19.99 -18.27 2.37
N LEU A 324 -20.54 -17.05 2.32
CA LEU A 324 -20.03 -15.92 3.10
C LEU A 324 -20.70 -15.83 4.47
N LYS A 325 -21.67 -16.72 4.71
CA LYS A 325 -22.43 -16.84 5.96
C LYS A 325 -23.19 -15.57 6.34
N LEU A 326 -23.64 -14.83 5.31
CA LEU A 326 -24.28 -13.52 5.49
C LEU A 326 -25.60 -13.55 6.23
N ASP A 327 -26.29 -14.69 6.16
CA ASP A 327 -27.60 -14.78 6.78
C ASP A 327 -27.56 -15.46 8.16
N THR A 328 -26.35 -15.71 8.64
CA THR A 328 -26.08 -16.15 10.00
C THR A 328 -26.59 -15.12 11.01
N LEU A 329 -27.44 -15.58 11.92
CA LEU A 329 -28.13 -14.75 12.88
C LEU A 329 -27.20 -14.35 14.03
N ILE A 330 -27.23 -13.07 14.40
CA ILE A 330 -26.43 -12.58 15.53
CA ILE A 330 -26.42 -12.58 15.52
C ILE A 330 -27.37 -12.31 16.71
N GLY A 331 -28.54 -11.78 16.42
CA GLY A 331 -29.49 -11.52 17.49
C GLY A 331 -30.76 -10.94 16.94
N TYR A 332 -31.55 -10.38 17.85
CA TYR A 332 -32.81 -9.75 17.48
C TYR A 332 -32.83 -8.32 17.99
N VAL A 333 -33.37 -7.45 17.14
CA VAL A 333 -33.60 -6.05 17.46
C VAL A 333 -35.07 -5.86 17.86
N LYS A 334 -35.29 -5.22 19.03
CA LYS A 334 -36.63 -5.05 19.64
C LYS A 334 -37.56 -4.11 18.89
N THR A 335 -37.00 -3.02 18.34
CA THR A 335 -37.81 -2.02 17.66
C THR A 335 -37.05 -1.46 16.47
N ASN A 336 -37.75 -0.79 15.56
CA ASN A 336 -37.13 -0.13 14.43
C ASN A 336 -36.37 1.13 14.88
N TYR A 337 -35.14 1.29 14.36
CA TYR A 337 -34.36 2.50 14.60
C TYR A 337 -33.98 3.10 13.26
N TYR A 338 -34.29 4.37 13.08
CA TYR A 338 -34.19 4.98 11.76
C TYR A 338 -33.08 6.00 11.62
N VAL A 339 -32.52 6.05 10.40
CA VAL A 339 -31.56 7.10 10.04
C VAL A 339 -32.17 8.52 10.14
N ASP A 340 -33.30 8.75 9.49
CA ASP A 340 -33.87 10.10 9.46
C ASP A 340 -35.40 10.24 9.42
N TYR A 341 -36.13 9.15 9.65
CA TYR A 341 -37.60 9.25 9.71
C TYR A 341 -38.10 9.99 10.96
N VAL A 342 -37.19 10.11 11.93
CA VAL A 342 -37.34 10.86 13.17
C VAL A 342 -36.00 11.60 13.35
N PRO A 343 -36.00 12.74 14.07
CA PRO A 343 -34.72 13.42 14.26
C PRO A 343 -33.82 12.68 15.26
N ILE A 344 -32.58 13.14 15.42
CA ILE A 344 -31.57 12.41 16.21
C ILE A 344 -31.80 12.37 17.71
N ASP A 345 -32.71 13.20 18.20
CA ASP A 345 -32.97 13.20 19.63
C ASP A 345 -34.21 12.42 19.98
N HIS A 346 -34.78 11.73 18.99
CA HIS A 346 -35.99 10.95 19.18
C HIS A 346 -35.56 9.52 19.56
N PRO A 347 -36.31 8.82 20.45
CA PRO A 347 -35.85 7.46 20.86
C PRO A 347 -35.80 6.37 19.77
N LYS A 348 -36.51 6.57 18.66
N LYS A 348 -36.51 6.57 18.66
CA LYS A 348 -36.46 5.62 17.54
CA LYS A 348 -36.46 5.62 17.54
C LYS A 348 -35.41 6.01 16.51
C LYS A 348 -35.42 6.03 16.50
N SER A 349 -34.55 6.97 16.86
CA SER A 349 -33.43 7.34 15.97
C SER A 349 -32.27 6.40 16.22
N ILE A 350 -31.68 5.89 15.12
CA ILE A 350 -30.48 5.08 15.26
CA ILE A 350 -30.47 5.09 15.22
C ILE A 350 -29.34 5.93 15.86
N PHE A 351 -29.36 7.24 15.61
CA PHE A 351 -28.34 8.13 16.18
C PHE A 351 -28.52 8.33 17.66
N ASN A 352 -29.76 8.34 18.14
CA ASN A 352 -30.02 8.38 19.57
C ASN A 352 -29.56 7.08 20.23
N LEU A 353 -29.90 5.94 19.63
CA LEU A 353 -29.43 4.64 20.10
C LEU A 353 -27.90 4.58 20.22
N LEU A 354 -27.20 5.05 19.20
CA LEU A 354 -25.74 5.19 19.25
C LEU A 354 -25.26 6.13 20.38
N ALA A 355 -25.88 7.29 20.52
CA ALA A 355 -25.44 8.29 21.51
C ALA A 355 -25.81 7.90 22.94
N LEU A 356 -26.91 7.17 23.11
CA LEU A 356 -27.40 6.81 24.44
C LEU A 356 -26.86 5.46 24.93
N LYS A 357 -26.68 4.50 24.01
CA LYS A 357 -26.39 3.13 24.40
C LYS A 357 -25.14 2.51 23.79
N ILE A 358 -24.98 2.61 22.49
CA ILE A 358 -23.91 1.87 21.81
C ILE A 358 -22.50 2.48 21.95
N LEU A 359 -22.35 3.77 21.69
CA LEU A 359 -21.02 4.39 21.76
C LEU A 359 -20.39 4.30 23.16
N LYS A 360 -21.22 4.35 24.20
CA LYS A 360 -20.78 4.16 25.60
C LYS A 360 -20.11 2.82 25.88
N THR A 361 -20.37 1.82 25.03
CA THR A 361 -19.79 0.49 25.26
C THR A 361 -18.35 0.40 24.76
N LEU A 362 -17.86 1.42 24.08
CA LEU A 362 -16.43 1.52 23.78
C LEU A 362 -15.68 1.46 25.13
N PRO A 363 -14.62 0.62 25.24
CA PRO A 363 -13.97 0.45 26.55
C PRO A 363 -13.44 1.77 27.11
N LYS A 364 -13.49 1.90 28.43
CA LYS A 364 -13.26 3.16 29.14
C LYS A 364 -12.55 2.84 30.46
N SER A 365 -11.66 3.73 30.90
CA SER A 365 -11.05 3.62 32.24
C SER A 365 -12.06 4.08 33.28
N LYS A 366 -11.89 3.63 34.53
CA LYS A 366 -12.85 3.92 35.62
C LYS A 366 -13.20 5.40 35.86
N HIS A 367 -12.19 6.25 35.98
CA HIS A 367 -12.43 7.67 36.24
C HIS A 367 -12.53 8.53 34.96
N GLU A 368 -12.49 7.89 33.79
CA GLU A 368 -12.36 8.60 32.52
C GLU A 368 -13.58 9.44 32.15
N GLU A 369 -13.33 10.68 31.74
CA GLU A 369 -14.36 11.52 31.13
C GLU A 369 -14.10 11.58 29.63
N ARG A 370 -15.13 11.33 28.84
CA ARG A 370 -14.96 11.41 27.40
C ARG A 370 -16.19 11.89 26.67
N ILE A 371 -15.98 12.40 25.46
CA ILE A 371 -17.04 12.74 24.54
C ILE A 371 -16.63 12.11 23.23
N THR A 372 -17.49 11.23 22.73
CA THR A 372 -17.22 10.53 21.50
C THR A 372 -18.06 11.12 20.38
N ILE A 373 -17.44 11.37 19.24
CA ILE A 373 -18.12 12.03 18.13
C ILE A 373 -18.02 11.16 16.89
N ILE A 374 -19.14 10.99 16.18
CA ILE A 374 -19.12 10.34 14.87
C ILE A 374 -19.92 11.19 13.91
N ASN A 375 -19.59 11.10 12.63
CA ASN A 375 -20.41 11.70 11.61
C ASN A 375 -21.65 10.83 11.28
N THR A 376 -22.76 11.48 10.97
CA THR A 376 -23.99 10.77 10.66
C THR A 376 -23.87 9.92 9.37
N GLY A 377 -23.05 10.35 8.43
CA GLY A 377 -22.82 9.56 7.20
C GLY A 377 -22.13 8.23 7.39
N SER A 378 -21.67 7.93 8.60
CA SER A 378 -21.04 6.63 8.83
C SER A 378 -22.07 5.54 9.06
N ILE A 379 -23.33 5.95 9.21
CA ILE A 379 -24.45 5.02 9.30
C ILE A 379 -25.20 5.03 7.98
N ARG A 380 -25.34 3.85 7.38
CA ARG A 380 -25.76 3.77 5.99
C ARG A 380 -27.17 3.23 5.75
N TYR A 381 -27.85 2.80 6.81
CA TYR A 381 -29.19 2.20 6.67
C TYR A 381 -29.90 2.15 8.01
N ASP A 382 -31.21 1.95 7.98
CA ASP A 382 -31.98 1.82 9.21
C ASP A 382 -31.69 0.49 9.90
N LEU A 383 -31.90 0.47 11.21
CA LEU A 383 -31.78 -0.75 11.97
C LEU A 383 -33.21 -1.27 12.24
N TYR A 384 -33.65 -2.21 11.39
CA TYR A 384 -35.02 -2.78 11.50
C TYR A 384 -35.16 -3.78 12.64
N LYS A 385 -36.35 -3.82 13.26
CA LYS A 385 -36.64 -4.82 14.31
C LYS A 385 -36.66 -6.22 13.73
N GLY A 386 -36.50 -7.22 14.59
CA GLY A 386 -36.48 -8.61 14.16
C GLY A 386 -35.05 -9.10 13.97
N PRO A 387 -34.87 -10.15 13.16
CA PRO A 387 -33.58 -10.82 13.01
C PRO A 387 -32.49 -9.87 12.53
N TYR A 388 -31.33 -9.97 13.16
CA TYR A 388 -30.18 -9.16 12.83
C TYR A 388 -29.06 -10.13 12.48
N THR A 389 -28.58 -10.06 11.25
CA THR A 389 -27.63 -11.02 10.76
C THR A 389 -26.24 -10.40 10.59
N ILE A 390 -25.29 -11.24 10.19
CA ILE A 390 -23.94 -10.80 9.80
C ILE A 390 -23.99 -9.69 8.75
N ASP A 391 -24.89 -9.86 7.78
CA ASP A 391 -25.11 -8.90 6.70
C ASP A 391 -25.59 -7.55 7.23
N SER A 392 -26.47 -7.59 8.24
CA SER A 392 -27.04 -6.40 8.89
C SER A 392 -25.95 -5.43 9.41
N LYS A 393 -24.86 -5.99 9.94
CA LYS A 393 -23.73 -5.17 10.40
C LYS A 393 -23.20 -4.27 9.28
N PHE A 394 -22.96 -4.86 8.12
CA PHE A 394 -22.36 -4.14 6.99
C PHE A 394 -23.32 -3.16 6.33
N ILE A 395 -24.60 -3.50 6.37
CA ILE A 395 -25.64 -2.69 5.79
C ILE A 395 -25.78 -1.41 6.63
N VAL A 396 -25.71 -1.54 7.94
CA VAL A 396 -25.91 -0.40 8.83
C VAL A 396 -24.60 0.35 9.02
N SER A 397 -23.53 -0.40 9.28
CA SER A 397 -22.24 0.22 9.64
C SER A 397 -21.08 -0.43 8.89
N PRO A 398 -20.91 -0.09 7.60
CA PRO A 398 -19.87 -0.77 6.80
C PRO A 398 -18.43 -0.32 7.05
N PHE A 399 -18.22 0.82 7.68
CA PHE A 399 -16.89 1.40 7.68
C PHE A 399 -15.96 0.90 8.79
N GLU A 400 -14.73 0.58 8.39
CA GLU A 400 -13.69 0.06 9.28
C GLU A 400 -12.89 1.21 9.88
N ASN A 401 -13.58 2.15 10.49
CA ASN A 401 -12.96 3.28 11.15
C ASN A 401 -12.53 2.85 12.55
N ILE A 402 -11.27 3.09 12.88
CA ILE A 402 -10.82 2.95 14.26
C ILE A 402 -10.92 4.29 14.98
N TRP A 403 -10.69 4.27 16.28
CA TRP A 403 -10.91 5.42 17.11
C TRP A 403 -9.59 6.00 17.56
N VAL A 404 -9.50 7.31 17.45
CA VAL A 404 -8.35 8.06 17.98
C VAL A 404 -8.89 9.06 19.02
N ASN A 405 -7.99 9.69 19.75
CA ASN A 405 -8.38 10.68 20.75
C ASN A 405 -7.37 11.79 20.95
N ILE A 406 -7.88 12.90 21.46
CA ILE A 406 -7.05 13.99 21.93
CA ILE A 406 -7.05 14.01 21.94
C ILE A 406 -7.61 14.35 23.32
N THR A 407 -6.74 14.73 24.24
CA THR A 407 -7.20 15.14 25.56
C THR A 407 -7.22 16.66 25.63
N VAL A 408 -8.38 17.22 25.95
CA VAL A 408 -8.58 18.68 25.99
C VAL A 408 -9.45 19.03 27.17
N PRO A 409 -9.43 20.31 27.61
CA PRO A 409 -10.30 20.66 28.71
C PRO A 409 -11.76 20.49 28.34
N LYS A 410 -12.57 20.12 29.33
CA LYS A 410 -14.03 20.07 29.17
C LYS A 410 -14.62 21.36 28.55
N SER A 411 -14.11 22.52 28.95
CA SER A 411 -14.58 23.81 28.42
C SER A 411 -14.51 23.91 26.89
N VAL A 412 -13.51 23.24 26.30
CA VAL A 412 -13.34 23.15 24.87
C VAL A 412 -14.10 21.97 24.27
N ALA A 413 -13.96 20.78 24.89
CA ALA A 413 -14.55 19.55 24.36
C ALA A 413 -16.07 19.66 24.15
N THR A 414 -16.76 20.34 25.08
CA THR A 414 -18.21 20.45 25.06
C THR A 414 -18.74 21.35 23.94
N LYS A 415 -17.84 22.05 23.27
CA LYS A 415 -18.21 22.99 22.21
C LYS A 415 -17.98 22.42 20.82
N VAL A 416 -17.22 21.34 20.75
CA VAL A 416 -16.72 20.85 19.44
C VAL A 416 -17.83 20.34 18.50
N ALA A 417 -18.73 19.47 18.96
CA ALA A 417 -19.80 18.96 18.12
C ALA A 417 -20.66 20.12 17.59
N ALA A 418 -20.99 21.10 18.43
CA ALA A 418 -21.77 22.25 17.98
C ALA A 418 -21.06 23.05 16.90
N LYS A 419 -19.74 23.16 17.01
CA LYS A 419 -18.91 23.86 16.01
C LYS A 419 -18.95 23.12 14.68
N LEU A 420 -18.84 21.80 14.72
CA LEU A 420 -18.89 20.98 13.51
C LEU A 420 -20.27 20.98 12.89
N ASN A 421 -21.29 21.16 13.73
CA ASN A 421 -22.66 21.14 13.25
C ASN A 421 -23.12 22.47 12.69
N ASP A 422 -22.35 23.53 12.92
CA ASP A 422 -22.70 24.85 12.40
C ASP A 422 -22.68 24.97 10.87
N TYR A 425 -20.82 26.20 8.68
CA TYR A 425 -19.74 25.29 8.36
C TYR A 425 -19.97 24.55 7.04
N ILE A 426 -19.11 24.84 6.05
CA ILE A 426 -18.99 24.01 4.85
C ILE A 426 -17.78 23.09 4.99
N SER A 427 -18.06 21.78 5.11
CA SER A 427 -17.04 20.76 5.28
CA SER A 427 -17.03 20.78 5.27
C SER A 427 -16.47 20.34 3.92
N ALA A 428 -15.13 20.24 3.85
CA ALA A 428 -14.40 19.88 2.63
C ALA A 428 -14.90 18.57 2.00
N SER A 429 -15.25 17.61 2.85
CA SER A 429 -15.97 16.40 2.42
CA SER A 429 -15.97 16.40 2.43
C SER A 429 -17.30 16.32 3.19
N ARG A 430 -18.35 15.87 2.51
CA ARG A 430 -19.69 15.78 3.11
C ARG A 430 -19.79 14.70 4.21
N LEU A 431 -20.23 15.11 5.40
CA LEU A 431 -20.24 14.28 6.61
C LEU A 431 -21.55 13.54 6.87
N LYS A 432 -22.62 14.03 6.25
CA LYS A 432 -23.99 13.51 6.42
C LYS A 432 -24.25 12.35 5.47
N PRO A 433 -25.34 11.57 5.66
CA PRO A 433 -25.72 10.60 4.61
C PRO A 433 -25.94 11.33 3.27
N PRO A 434 -25.58 10.71 2.13
CA PRO A 434 -25.54 11.44 0.85
C PRO A 434 -26.83 12.17 0.45
N HIS A 435 -27.99 11.64 0.82
CA HIS A 435 -29.26 12.25 0.40
C HIS A 435 -29.66 13.46 1.25
N GLN A 436 -28.93 13.67 2.35
CA GLN A 436 -29.26 14.74 3.28
C GLN A 436 -28.93 16.17 2.82
N TYR A 437 -28.55 16.32 1.54
CA TYR A 437 -28.24 17.66 1.00
C TYR A 437 -29.24 18.16 -0.04
N ASP A 438 -30.32 17.39 -0.22
CA ASP A 438 -31.38 17.73 -1.15
C ASP A 438 -32.74 17.79 -0.47
N LEU A 439 -32.76 18.26 0.77
CA LEU A 439 -34.02 18.26 1.51
C LEU A 439 -34.90 19.52 1.30
N GLN A 440 -34.67 20.22 0.19
CA GLN A 440 -35.60 21.25 -0.29
C GLN A 440 -36.86 20.54 -0.81
N VAL A 441 -38.03 20.98 -0.34
CA VAL A 441 -39.31 20.34 -0.72
C VAL A 441 -40.15 21.21 -1.67
N GLN A 442 -40.82 20.55 -2.62
CA GLN A 442 -41.88 21.15 -3.43
C GLN A 442 -42.77 20.11 -4.11
N GLN A 456 -53.37 7.32 -0.41
CA GLN A 456 -54.22 6.51 0.46
C GLN A 456 -53.54 5.22 0.94
N GLU A 457 -54.19 4.58 1.92
CA GLU A 457 -53.66 3.42 2.67
C GLU A 457 -53.29 2.18 1.86
N LYS A 458 -53.86 2.05 0.66
CA LYS A 458 -53.57 0.91 -0.22
C LYS A 458 -52.20 1.02 -0.91
N LEU A 459 -51.80 2.25 -1.28
CA LEU A 459 -50.52 2.52 -1.96
C LEU A 459 -49.35 2.15 -1.07
N PRO A 460 -48.30 1.51 -1.65
CA PRO A 460 -47.16 1.16 -0.77
C PRO A 460 -46.33 2.42 -0.44
N LYS A 461 -45.56 2.34 0.65
CA LYS A 461 -44.66 3.44 1.01
C LYS A 461 -43.48 3.43 0.04
N GLY A 462 -43.11 4.61 -0.46
CA GLY A 462 -41.95 4.71 -1.32
C GLY A 462 -41.66 6.13 -1.70
N TYR A 463 -40.96 6.32 -2.81
CA TYR A 463 -40.57 7.66 -3.23
C TYR A 463 -41.63 8.34 -4.06
N VAL A 464 -41.78 9.65 -3.84
CA VAL A 464 -42.52 10.52 -4.72
C VAL A 464 -41.56 11.64 -5.07
N THR A 465 -41.02 11.56 -6.27
CA THR A 465 -39.95 12.41 -6.69
C THR A 465 -40.52 13.65 -7.34
N HIS A 466 -39.98 14.80 -6.99
CA HIS A 466 -40.34 16.06 -7.60
C HIS A 466 -39.10 16.56 -8.33
N ASP A 467 -39.08 16.47 -9.64
CA ASP A 467 -37.93 16.92 -10.42
C ASP A 467 -38.31 18.01 -11.42
N ASP A 468 -37.48 18.23 -12.43
CA ASP A 468 -37.73 19.29 -13.42
C ASP A 468 -38.88 18.99 -14.38
N PHE A 469 -39.29 17.73 -14.44
CA PHE A 469 -40.41 17.29 -15.26
C PHE A 469 -41.69 17.07 -14.42
N GLY A 470 -41.71 17.64 -13.21
CA GLY A 470 -42.86 17.50 -12.31
C GLY A 470 -42.73 16.36 -11.31
N ALA A 471 -43.87 15.79 -10.93
CA ALA A 471 -43.97 14.90 -9.78
C ALA A 471 -44.42 13.49 -10.08
N ASP A 472 -44.38 13.12 -11.35
CA ASP A 472 -44.94 11.83 -11.79
C ASP A 472 -43.96 10.84 -12.44
N GLY A 473 -42.65 10.98 -12.17
CA GLY A 473 -41.64 10.11 -12.78
C GLY A 473 -41.55 8.71 -12.23
N ASP A 474 -42.00 8.53 -10.99
CA ASP A 474 -41.99 7.21 -10.35
C ASP A 474 -42.94 6.22 -11.04
N ASP A 475 -42.45 5.01 -11.33
CA ASP A 475 -43.24 4.04 -12.08
C ASP A 475 -44.40 3.45 -11.28
N THR A 476 -44.42 3.72 -9.98
CA THR A 476 -45.43 3.19 -9.08
C THR A 476 -45.94 4.35 -8.23
N LEU A 477 -47.26 4.35 -7.99
CA LEU A 477 -47.88 5.29 -7.06
C LEU A 477 -47.57 4.90 -5.62
N HIS A 478 -47.03 5.86 -4.89
CA HIS A 478 -46.54 5.63 -3.52
C HIS A 478 -47.12 6.60 -2.53
N ARG A 479 -47.22 6.14 -1.29
CA ARG A 479 -47.30 7.04 -0.13
C ARG A 479 -45.87 7.53 0.13
N ALA A 480 -45.65 8.83 -0.02
CA ALA A 480 -44.31 9.44 0.01
C ALA A 480 -43.61 9.37 1.37
N VAL A 481 -42.37 8.87 1.34
CA VAL A 481 -41.53 8.81 2.54
CA VAL A 481 -41.51 8.80 2.52
C VAL A 481 -40.96 10.19 2.86
N VAL A 482 -40.88 10.51 4.16
CA VAL A 482 -40.37 11.82 4.64
C VAL A 482 -39.14 11.70 5.57
N ASN A 483 -38.13 12.55 5.34
CA ASN A 483 -36.92 12.61 6.16
C ASN A 483 -36.83 13.90 6.95
N PHE A 484 -36.42 13.79 8.22
CA PHE A 484 -35.93 14.95 8.98
C PHE A 484 -34.49 15.27 8.62
N PRO A 485 -34.11 16.58 8.64
CA PRO A 485 -32.69 16.89 8.56
C PRO A 485 -31.92 16.33 9.77
N VAL A 486 -30.74 15.76 9.51
CA VAL A 486 -29.83 15.32 10.57
C VAL A 486 -28.60 16.20 10.57
N PRO A 487 -27.93 16.33 11.72
CA PRO A 487 -26.71 17.13 11.74
C PRO A 487 -25.50 16.42 11.11
N ASN A 488 -24.42 17.17 10.91
CA ASN A 488 -23.13 16.58 10.48
C ASN A 488 -22.62 15.49 11.40
N VAL A 489 -22.69 15.74 12.70
CA VAL A 489 -22.17 14.81 13.70
C VAL A 489 -23.12 14.65 14.89
N ILE A 490 -22.96 13.54 15.62
CA ILE A 490 -23.64 13.37 16.89
C ILE A 490 -22.55 13.06 17.91
N GLN A 491 -22.89 13.19 19.19
CA GLN A 491 -21.90 12.97 20.26
C GLN A 491 -22.53 12.14 21.34
N SER A 492 -21.70 11.33 21.98
CA SER A 492 -22.08 10.60 23.17
C SER A 492 -21.23 11.17 24.31
N VAL A 493 -21.89 11.81 25.25
CA VAL A 493 -21.20 12.51 26.33
C VAL A 493 -21.13 11.65 27.58
N GLU A 494 -19.92 11.38 28.04
CA GLU A 494 -19.72 10.61 29.27
C GLU A 494 -18.83 11.35 30.24
N ILE A 495 -19.43 12.28 30.98
CA ILE A 495 -18.68 13.09 31.91
C ILE A 495 -19.23 12.87 33.31
N ASN A 496 -18.43 13.18 34.33
CA ASN A 496 -18.85 12.93 35.70
C ASN A 496 -19.65 14.07 36.27
N ASP A 497 -19.40 15.28 35.78
CA ASP A 497 -20.05 16.48 36.27
C ASP A 497 -19.82 17.61 35.28
N GLU A 498 -20.13 18.84 35.71
CA GLU A 498 -20.08 20.01 34.85
C GLU A 498 -18.78 20.82 35.03
N VAL A 499 -17.85 20.26 35.79
CA VAL A 499 -16.61 20.94 36.20
C VAL A 499 -15.49 20.78 35.18
N ASP A 500 -14.78 21.87 34.90
CA ASP A 500 -13.71 21.83 33.90
C ASP A 500 -12.62 20.86 34.33
N SER A 501 -12.26 19.95 33.43
CA SER A 501 -11.38 18.84 33.74
C SER A 501 -10.83 18.31 32.41
N PRO A 502 -9.81 17.42 32.45
CA PRO A 502 -9.41 16.82 31.18
C PRO A 502 -10.46 15.84 30.64
N VAL A 503 -10.78 15.95 29.35
CA VAL A 503 -11.79 15.11 28.72
C VAL A 503 -11.13 14.49 27.50
N ASN A 504 -11.28 13.17 27.32
CA ASN A 504 -10.85 12.54 26.05
C ASN A 504 -11.87 12.76 24.97
N LEU A 505 -11.46 13.47 23.94
CA LEU A 505 -12.31 13.69 22.80
C LEU A 505 -11.95 12.56 21.85
N VAL A 506 -12.92 11.67 21.62
CA VAL A 506 -12.73 10.41 20.92
C VAL A 506 -13.52 10.45 19.60
N PHE A 507 -12.89 10.06 18.49
CA PHE A 507 -13.53 10.17 17.19
C PHE A 507 -12.83 9.27 16.19
N TYR A 508 -13.49 9.06 15.04
CA TYR A 508 -12.91 8.35 13.92
C TYR A 508 -11.63 9.02 13.44
N SER A 509 -10.65 8.19 13.12
CA SER A 509 -9.39 8.67 12.59
C SER A 509 -9.59 9.65 11.42
N PHE A 510 -10.55 9.34 10.55
CA PHE A 510 -10.73 10.18 9.36
C PHE A 510 -11.34 11.57 9.62
N ILE A 511 -12.03 11.76 10.75
CA ILE A 511 -12.56 13.10 11.01
C ILE A 511 -11.61 13.99 11.79
N THR A 512 -10.37 13.51 11.98
CA THR A 512 -9.28 14.32 12.52
C THR A 512 -9.20 15.74 11.96
N PRO A 513 -9.19 15.93 10.60
CA PRO A 513 -9.11 17.31 10.09
C PRO A 513 -10.28 18.19 10.53
N ASN A 514 -11.46 17.60 10.62
CA ASN A 514 -12.65 18.32 11.08
C ASN A 514 -12.52 18.72 12.55
N ILE A 515 -12.01 17.79 13.37
CA ILE A 515 -11.77 18.09 14.81
C ILE A 515 -10.74 19.20 14.95
N ILE A 516 -9.64 19.11 14.19
CA ILE A 516 -8.59 20.14 14.22
C ILE A 516 -9.17 21.49 13.78
N TRP A 517 -9.97 21.51 12.72
CA TRP A 517 -10.62 22.74 12.27
C TRP A 517 -11.48 23.34 13.39
N ALA A 518 -12.31 22.49 14.03
CA ALA A 518 -13.21 22.94 15.08
C ALA A 518 -12.45 23.53 16.26
N LEU A 519 -11.35 22.88 16.65
CA LEU A 519 -10.49 23.33 17.74
C LEU A 519 -9.85 24.69 17.45
N LYS A 520 -9.45 24.91 16.21
CA LYS A 520 -8.93 26.20 15.76
C LYS A 520 -9.98 27.31 15.78
N GLU A 521 -11.21 26.96 15.38
CA GLU A 521 -12.34 27.89 15.42
C GLU A 521 -12.73 28.28 16.84
N LEU A 522 -12.36 27.45 17.81
CA LEU A 522 -12.66 27.70 19.19
C LEU A 522 -11.43 28.32 19.85
N ASN A 523 -10.50 28.76 19.00
CA ASN A 523 -9.22 29.37 19.39
C ASN A 523 -8.44 28.53 20.39
N PHE A 524 -8.48 27.21 20.22
CA PHE A 524 -7.70 26.29 21.05
C PHE A 524 -6.48 25.83 20.28
N SER A 525 -5.32 26.24 20.79
CA SER A 525 -4.02 25.90 20.18
C SER A 525 -3.35 24.76 20.93
N THR A 526 -2.98 23.73 20.18
CA THR A 526 -2.15 22.64 20.69
C THR A 526 -1.40 22.02 19.52
N GLU A 527 -0.26 21.43 19.80
CA GLU A 527 0.41 20.58 18.82
C GLU A 527 0.41 19.16 19.34
N GLN A 528 -0.57 18.88 20.20
CA GLN A 528 -0.98 17.52 20.52
C GLN A 528 -1.62 16.96 19.25
N VAL A 529 -1.17 15.78 18.88
CA VAL A 529 -1.71 15.05 17.73
C VAL A 529 -2.61 13.95 18.27
N PRO A 530 -3.64 13.55 17.50
CA PRO A 530 -4.44 12.42 17.98
C PRO A 530 -3.66 11.12 18.10
N THR A 531 -3.97 10.35 19.14
CA THR A 531 -3.29 9.08 19.36
C THR A 531 -4.35 7.97 19.31
N PRO A 532 -3.95 6.73 18.98
CA PRO A 532 -4.90 5.62 18.96
C PRO A 532 -5.67 5.46 20.27
N TYR A 533 -6.95 5.14 20.19
CA TYR A 533 -7.79 5.03 21.37
C TYR A 533 -8.36 3.63 21.46
N SER A 534 -8.90 3.14 20.34
CA SER A 534 -9.52 1.80 20.29
C SER A 534 -9.55 1.30 18.86
N ASP A 535 -9.26 0.00 18.69
CA ASP A 535 -9.38 -0.67 17.37
C ASP A 535 -10.73 -1.33 17.13
N ILE A 536 -11.67 -1.19 18.07
CA ILE A 536 -12.99 -1.80 17.92
C ILE A 536 -13.88 -0.99 16.97
N TYR A 537 -14.27 -1.59 15.84
CA TYR A 537 -15.13 -0.95 14.88
C TYR A 537 -16.53 -0.73 15.43
N LEU A 538 -17.19 0.33 14.95
CA LEU A 538 -18.58 0.62 15.33
C LEU A 538 -19.48 -0.60 15.08
N GLY A 539 -19.26 -1.28 13.95
CA GLY A 539 -20.01 -2.50 13.59
C GLY A 539 -19.90 -3.62 14.63
N THR A 540 -18.71 -3.76 15.23
CA THR A 540 -18.51 -4.72 16.31
C THR A 540 -19.28 -4.32 17.56
N LEU A 541 -19.25 -3.03 17.92
CA LEU A 541 -20.03 -2.57 19.05
C LEU A 541 -21.53 -2.80 18.82
N LEU A 542 -21.97 -2.63 17.58
CA LEU A 542 -23.37 -2.85 17.24
C LEU A 542 -23.72 -4.35 17.41
N ASN A 543 -22.87 -5.24 16.88
CA ASN A 543 -23.03 -6.70 17.05
C ASN A 543 -23.18 -7.12 18.50
N GLU A 544 -22.28 -6.61 19.35
CA GLU A 544 -22.31 -6.96 20.77
C GLU A 544 -23.51 -6.38 21.49
N PHE A 545 -23.97 -5.22 21.05
CA PHE A 545 -25.16 -4.64 21.65
C PHE A 545 -26.38 -5.50 21.33
N VAL A 546 -26.55 -5.82 20.05
CA VAL A 546 -27.64 -6.68 19.59
C VAL A 546 -27.62 -8.08 20.27
N ALA A 547 -26.46 -8.72 20.30
CA ALA A 547 -26.32 -10.05 20.91
C ALA A 547 -26.50 -10.06 22.44
N ASN A 548 -26.41 -8.89 23.07
CA ASN A 548 -26.61 -8.67 24.53
C ASN A 548 -25.50 -9.23 25.41
N ASN A 549 -24.41 -9.67 24.79
CA ASN A 549 -23.20 -10.15 25.48
C ASN A 549 -21.95 -9.76 24.68
N GLU A 550 -20.77 -9.99 25.25
CA GLU A 550 -19.49 -9.68 24.57
C GLU A 550 -18.24 -10.48 24.99
N SER B 5 -0.23 8.42 6.89
CA SER B 5 -0.71 7.07 6.49
C SER B 5 -0.52 6.82 4.98
N PHE B 6 0.24 5.79 4.66
CA PHE B 6 0.66 5.56 3.29
C PHE B 6 -0.21 4.47 2.68
N PRO B 7 -0.38 4.48 1.34
CA PRO B 7 -1.11 3.38 0.70
C PRO B 7 -0.30 2.11 0.67
N HIS B 8 -0.94 1.00 1.03
CA HIS B 8 -0.27 -0.29 1.13
C HIS B 8 -0.82 -1.34 0.19
N ARG B 9 0.06 -2.25 -0.21
CA ARG B 9 -0.33 -3.49 -0.86
C ARG B 9 -0.53 -4.57 0.20
N ASN B 10 -1.47 -5.50 -0.04
CA ASN B 10 -1.72 -6.60 0.89
C ASN B 10 -0.75 -7.75 0.69
N LEU B 11 -0.33 -8.37 1.80
CA LEU B 11 0.45 -9.61 1.75
C LEU B 11 -0.44 -10.78 1.33
N THR B 12 0.16 -11.75 0.64
CA THR B 12 -0.49 -13.04 0.40
C THR B 12 0.13 -14.02 1.39
N TRP B 13 -0.74 -14.66 2.17
CA TRP B 13 -0.35 -15.66 3.13
C TRP B 13 -0.54 -17.02 2.49
N ASN B 14 0.20 -18.02 2.96
CA ASN B 14 0.06 -19.37 2.44
C ASN B 14 0.56 -20.38 3.45
N ASP B 15 0.62 -21.66 3.05
CA ASP B 15 0.98 -22.80 3.95
C ASP B 15 2.18 -22.54 4.86
N ILE B 16 3.24 -22.01 4.28
CA ILE B 16 4.34 -21.52 5.08
C ILE B 16 4.65 -20.09 4.62
N ASN B 17 4.85 -19.23 5.61
CA ASN B 17 5.19 -17.83 5.43
C ASN B 17 6.59 -17.58 6.00
N PHE B 18 7.32 -16.68 5.36
CA PHE B 18 8.67 -16.36 5.81
C PHE B 18 8.80 -14.88 6.04
N VAL B 19 9.43 -14.54 7.16
CA VAL B 19 9.80 -13.17 7.45
C VAL B 19 11.33 -13.11 7.43
N HIS B 20 11.90 -12.17 6.67
CA HIS B 20 13.32 -12.20 6.34
C HIS B 20 14.03 -10.87 6.58
N THR B 21 15.13 -10.94 7.31
CA THR B 21 16.05 -9.81 7.46
C THR B 21 17.44 -10.15 6.94
N THR B 22 18.20 -9.12 6.56
CA THR B 22 19.54 -9.30 6.07
C THR B 22 20.23 -7.97 6.13
N ASP B 23 21.55 -7.99 6.32
CA ASP B 23 22.35 -6.76 6.19
C ASP B 23 21.85 -5.64 7.10
N THR B 24 21.47 -6.01 8.31
CA THR B 24 20.91 -5.08 9.27
C THR B 24 21.99 -4.12 9.74
N HIS B 25 23.24 -4.62 9.81
CA HIS B 25 24.42 -3.82 10.13
C HIS B 25 24.27 -2.96 11.41
N GLY B 26 23.61 -3.51 12.43
CA GLY B 26 23.47 -2.83 13.71
C GLY B 26 22.43 -1.72 13.82
N TRP B 27 21.58 -1.57 12.80
CA TRP B 27 20.55 -0.52 12.78
C TRP B 27 19.29 -0.76 13.63
N TYR B 28 19.44 -1.33 14.83
CA TYR B 28 18.29 -1.76 15.66
C TYR B 28 17.51 -0.63 16.35
N SER B 29 18.05 0.59 16.30
CA SER B 29 17.45 1.76 16.93
C SER B 29 16.47 2.47 15.99
N GLY B 30 16.47 2.10 14.71
CA GLY B 30 15.65 2.78 13.71
C GLY B 30 16.39 3.94 13.07
N HIS B 31 15.84 4.53 12.01
CA HIS B 31 16.48 5.68 11.33
C HIS B 31 15.92 7.02 11.83
N ILE B 32 16.80 8.03 11.90
CA ILE B 32 16.45 9.38 12.32
CA ILE B 32 16.47 9.39 12.31
C ILE B 32 16.14 10.28 11.11
N ASN B 33 17.00 10.24 10.10
CA ASN B 33 16.84 11.13 8.94
C ASN B 33 15.98 10.56 7.83
N GLN B 34 15.60 9.29 7.97
CA GLN B 34 14.64 8.65 7.08
C GLN B 34 13.47 8.09 7.90
N PRO B 35 12.42 8.92 8.14
CA PRO B 35 11.24 8.49 8.93
C PRO B 35 10.42 7.35 8.33
N LEU B 36 10.62 7.03 7.04
CA LEU B 36 10.06 5.83 6.45
C LEU B 36 10.60 4.55 7.12
N TYR B 37 11.76 4.67 7.79
CA TYR B 37 12.47 3.53 8.38
C TYR B 37 12.72 3.81 9.88
N HIS B 38 11.74 4.45 10.51
CA HIS B 38 11.86 4.97 11.87
CA HIS B 38 11.92 4.97 11.87
C HIS B 38 11.76 3.89 12.93
N ALA B 39 11.09 2.78 12.59
CA ALA B 39 10.78 1.77 13.61
C ALA B 39 12.02 1.07 14.14
N ASN B 40 11.95 0.66 15.40
CA ASN B 40 13.09 0.04 16.02
C ASN B 40 12.84 -1.48 16.21
N TRP B 41 13.82 -2.14 16.78
CA TRP B 41 13.78 -3.60 16.93
C TRP B 41 12.66 -4.04 17.86
N GLY B 42 12.28 -3.20 18.82
CA GLY B 42 11.15 -3.54 19.69
C GLY B 42 9.83 -3.59 18.93
N ASP B 43 9.64 -2.63 18.02
CA ASP B 43 8.50 -2.59 17.11
C ASP B 43 8.46 -3.82 16.21
N PHE B 44 9.64 -4.25 15.76
CA PHE B 44 9.76 -5.40 14.87
C PHE B 44 9.38 -6.69 15.63
N ILE B 45 9.75 -6.76 16.91
CA ILE B 45 9.37 -7.89 17.75
C ILE B 45 7.86 -7.95 17.95
N SER B 46 7.23 -6.80 18.19
CA SER B 46 5.76 -6.75 18.29
C SER B 46 5.13 -7.23 16.98
N PHE B 47 5.65 -6.72 15.85
CA PHE B 47 5.18 -7.09 14.53
C PHE B 47 5.18 -8.63 14.35
N THR B 48 6.32 -9.27 14.61
CA THR B 48 6.38 -10.72 14.31
C THR B 48 5.56 -11.58 15.29
N THR B 49 5.40 -11.09 16.52
CA THR B 49 4.50 -11.69 17.49
C THR B 49 3.10 -11.79 16.92
N HIS B 50 2.59 -10.67 16.41
CA HIS B 50 1.24 -10.66 15.83
C HIS B 50 1.18 -11.47 14.54
N MET B 51 2.21 -11.33 13.70
CA MET B 51 2.22 -12.09 12.46
C MET B 51 2.19 -13.60 12.67
N ARG B 52 2.95 -14.10 13.65
CA ARG B 52 2.98 -15.53 13.98
CA ARG B 52 2.97 -15.54 13.92
C ARG B 52 1.61 -16.03 14.41
N ARG B 53 0.95 -15.25 15.29
CA ARG B 53 -0.39 -15.57 15.76
CA ARG B 53 -0.39 -15.57 15.76
C ARG B 53 -1.37 -15.63 14.60
N ILE B 54 -1.28 -14.69 13.67
CA ILE B 54 -2.13 -14.72 12.48
C ILE B 54 -1.89 -15.98 11.64
N ALA B 55 -0.62 -16.33 11.43
CA ALA B 55 -0.28 -17.56 10.70
C ALA B 55 -0.96 -18.80 11.32
N HIS B 56 -0.76 -18.97 12.63
CA HIS B 56 -1.27 -20.16 13.35
C HIS B 56 -2.80 -20.23 13.34
N SER B 57 -3.45 -19.08 13.43
CA SER B 57 -4.90 -18.97 13.32
C SER B 57 -5.43 -19.36 11.94
N ARG B 58 -4.58 -19.35 10.92
CA ARG B 58 -4.95 -19.76 9.57
C ARG B 58 -4.42 -21.15 9.23
N ASN B 59 -3.91 -21.86 10.25
CA ASN B 59 -3.28 -23.18 10.08
C ASN B 59 -2.04 -23.10 9.16
N GLN B 60 -1.21 -22.09 9.40
CA GLN B 60 -0.02 -21.84 8.60
C GLN B 60 1.20 -21.74 9.50
N ASP B 61 2.35 -22.14 8.97
CA ASP B 61 3.59 -21.96 9.68
C ASP B 61 4.21 -20.62 9.29
N LEU B 62 5.05 -20.09 10.17
CA LEU B 62 5.78 -18.85 9.89
C LEU B 62 7.18 -19.01 10.45
N LEU B 63 8.19 -18.78 9.60
CA LEU B 63 9.58 -18.84 10.01
C LEU B 63 10.27 -17.47 9.87
N LEU B 64 11.11 -17.11 10.83
CA LEU B 64 11.94 -15.90 10.75
C LEU B 64 13.39 -16.23 10.42
N ILE B 65 13.90 -15.56 9.40
CA ILE B 65 15.22 -15.86 8.87
C ILE B 65 16.09 -14.61 8.79
N ASP B 66 17.35 -14.69 9.22
CA ASP B 66 18.32 -13.63 9.01
C ASP B 66 19.55 -14.11 8.22
N SER B 67 19.95 -13.34 7.21
CA SER B 67 21.06 -13.74 6.34
C SER B 67 22.39 -13.03 6.63
N GLY B 68 22.56 -12.49 7.84
CA GLY B 68 23.89 -12.07 8.26
C GLY B 68 24.20 -10.60 8.13
N ASP B 69 25.43 -10.24 8.50
CA ASP B 69 25.96 -8.85 8.50
C ASP B 69 25.19 -7.98 9.48
N ARG B 70 25.50 -8.17 10.75
CA ARG B 70 24.78 -7.57 11.84
C ARG B 70 25.59 -6.46 12.53
N HIS B 71 26.77 -6.14 12.00
N HIS B 71 26.75 -6.13 11.96
CA HIS B 71 27.55 -5.01 12.48
CA HIS B 71 27.69 -5.13 12.48
C HIS B 71 28.30 -4.31 11.35
C HIS B 71 28.26 -4.27 11.34
N ASP B 72 29.09 -3.29 11.71
CA ASP B 72 29.82 -2.40 10.75
C ASP B 72 28.89 -1.47 9.97
N GLY B 73 28.44 -0.43 10.64
CA GLY B 73 27.61 0.58 9.98
C GLY B 73 26.71 1.28 10.97
N ASN B 74 27.01 1.14 12.26
CA ASN B 74 26.17 1.75 13.28
C ASN B 74 26.87 1.79 14.64
N GLY B 75 26.76 2.91 15.34
CA GLY B 75 27.38 3.08 16.66
C GLY B 75 26.94 2.04 17.67
N LEU B 76 25.69 1.61 17.60
CA LEU B 76 25.15 0.64 18.54
C LEU B 76 26.01 -0.64 18.55
N SER B 77 26.36 -1.11 17.36
CA SER B 77 27.21 -2.29 17.20
C SER B 77 28.72 -2.03 17.20
N ASP B 78 29.17 -0.86 16.75
CA ASP B 78 30.57 -0.66 16.44
C ASP B 78 31.39 0.13 17.47
N ILE B 79 30.73 0.86 18.35
CA ILE B 79 31.45 1.68 19.35
C ILE B 79 32.21 0.82 20.38
N THR B 80 31.73 -0.42 20.59
CA THR B 80 32.30 -1.35 21.55
C THR B 80 33.42 -2.14 20.93
N SER B 81 34.33 -2.65 21.77
CA SER B 81 35.36 -3.56 21.32
C SER B 81 35.21 -4.82 22.17
N PRO B 82 34.84 -5.96 21.56
CA PRO B 82 34.59 -6.17 20.13
C PRO B 82 33.25 -5.59 19.66
N ASN B 83 33.04 -5.58 18.35
CA ASN B 83 31.73 -5.26 17.78
C ASN B 83 30.61 -6.14 18.33
N GLY B 84 29.46 -5.53 18.57
CA GLY B 84 28.27 -6.28 18.93
C GLY B 84 28.10 -6.56 20.41
N LEU B 85 29.01 -6.06 21.24
CA LEU B 85 28.94 -6.25 22.70
C LEU B 85 27.59 -5.81 23.26
N LYS B 86 27.06 -4.71 22.73
CA LYS B 86 25.85 -4.11 23.23
C LYS B 86 24.68 -4.20 22.26
N SER B 87 24.95 -4.50 20.99
CA SER B 87 23.87 -4.64 20.00
C SER B 87 23.32 -6.05 19.94
N THR B 88 24.18 -7.04 20.18
CA THR B 88 23.76 -8.47 20.22
C THR B 88 22.66 -8.80 21.24
N PRO B 89 22.77 -8.26 22.49
CA PRO B 89 21.70 -8.50 23.45
C PRO B 89 20.35 -7.97 22.97
N ILE B 90 20.39 -6.95 22.11
CA ILE B 90 19.17 -6.41 21.50
C ILE B 90 18.73 -7.30 20.32
N PHE B 91 19.64 -7.55 19.37
CA PHE B 91 19.32 -8.42 18.24
C PHE B 91 18.67 -9.76 18.66
N ILE B 92 19.28 -10.46 19.63
CA ILE B 92 18.84 -11.82 19.99
C ILE B 92 17.52 -11.88 20.77
N LYS B 93 16.99 -10.74 21.16
CA LYS B 93 15.60 -10.67 21.68
C LYS B 93 14.57 -11.09 20.63
N GLN B 94 14.94 -10.98 19.35
CA GLN B 94 14.09 -11.50 18.29
C GLN B 94 14.31 -13.03 18.14
N ASP B 95 13.21 -13.73 17.87
CA ASP B 95 13.11 -15.17 17.94
C ASP B 95 13.26 -15.82 16.56
N TYR B 96 14.47 -15.71 15.99
CA TYR B 96 14.76 -16.30 14.68
C TYR B 96 14.71 -17.83 14.69
N ASP B 97 14.28 -18.38 13.58
CA ASP B 97 14.20 -19.82 13.36
C ASP B 97 15.44 -20.30 12.63
N LEU B 98 16.02 -19.45 11.79
CA LEU B 98 17.22 -19.79 11.05
C LEU B 98 18.05 -18.55 10.80
N LEU B 99 19.36 -18.67 10.95
CA LEU B 99 20.22 -17.53 10.65
C LEU B 99 21.58 -17.99 10.24
N THR B 100 22.37 -17.07 9.69
CA THR B 100 23.69 -17.42 9.20
C THR B 100 24.62 -16.23 9.35
N ILE B 101 25.86 -16.39 8.92
CA ILE B 101 26.90 -15.42 9.15
C ILE B 101 27.07 -14.55 7.91
N GLY B 102 27.53 -13.32 8.10
CA GLY B 102 27.91 -12.48 6.96
C GLY B 102 29.41 -12.26 6.96
N ASN B 103 29.93 -11.56 5.94
CA ASN B 103 31.37 -11.33 5.85
C ASN B 103 31.86 -10.34 6.91
N HIS B 104 30.98 -9.45 7.36
CA HIS B 104 31.34 -8.49 8.40
C HIS B 104 31.55 -9.09 9.79
N GLU B 105 31.09 -10.32 9.98
CA GLU B 105 31.43 -11.07 11.17
C GLU B 105 32.81 -11.78 11.05
N LEU B 106 33.47 -11.63 9.88
CA LEU B 106 34.62 -12.47 9.54
C LEU B 106 35.92 -11.71 9.20
N TYR B 107 35.86 -10.38 9.10
CA TYR B 107 37.09 -9.60 8.78
C TYR B 107 38.14 -9.69 9.90
N LEU B 108 37.68 -9.62 11.14
CA LEU B 108 38.57 -9.52 12.30
C LEU B 108 38.35 -10.68 13.24
N TRP B 109 39.44 -11.28 13.71
CA TRP B 109 39.33 -12.46 14.59
C TRP B 109 38.47 -12.21 15.82
N GLU B 110 38.67 -11.09 16.51
CA GLU B 110 37.90 -10.83 17.72
C GLU B 110 36.39 -10.79 17.46
N ASN B 111 36.00 -10.38 16.24
CA ASN B 111 34.59 -10.34 15.85
C ASN B 111 34.03 -11.71 15.54
N SER B 112 34.83 -12.56 14.90
CA SER B 112 34.37 -13.93 14.64
C SER B 112 34.27 -14.71 15.93
N LYS B 113 35.23 -14.49 16.83
CA LYS B 113 35.25 -15.20 18.12
C LYS B 113 34.04 -14.77 18.94
N GLN B 114 33.79 -13.45 18.99
CA GLN B 114 32.60 -12.92 19.67
C GLN B 114 31.29 -13.44 19.07
N GLU B 115 31.22 -13.49 17.74
CA GLU B 115 30.09 -14.08 17.06
C GLU B 115 29.83 -15.53 17.48
N TYR B 116 30.87 -16.34 17.48
CA TYR B 116 30.75 -17.76 17.86
C TYR B 116 30.32 -17.94 19.31
N GLU B 117 30.89 -17.13 20.22
CA GLU B 117 30.59 -17.25 21.64
C GLU B 117 29.27 -16.62 22.10
N THR B 118 28.64 -15.80 21.26
CA THR B 118 27.40 -15.15 21.69
C THR B 118 26.21 -15.50 20.81
N VAL B 119 26.19 -15.00 19.58
CA VAL B 119 25.07 -15.26 18.69
C VAL B 119 24.88 -16.75 18.38
N VAL B 120 25.99 -17.43 18.03
CA VAL B 120 25.91 -18.85 17.70
C VAL B 120 25.52 -19.64 18.94
N ASN B 121 26.10 -19.28 20.08
CA ASN B 121 25.75 -19.90 21.34
C ASN B 121 24.27 -19.72 21.72
N HIS B 122 23.77 -18.50 21.61
CA HIS B 122 22.35 -18.25 21.82
C HIS B 122 21.47 -19.05 20.86
N PHE B 123 21.82 -19.06 19.57
CA PHE B 123 21.02 -19.74 18.55
C PHE B 123 21.65 -21.08 18.12
N GLN B 124 22.07 -21.88 19.10
CA GLN B 124 22.84 -23.11 18.81
C GLN B 124 22.26 -24.05 17.76
N ASP B 125 20.97 -24.31 17.87
CA ASP B 125 20.26 -25.24 16.99
C ASP B 125 19.71 -24.56 15.73
N LYS B 126 19.97 -23.27 15.57
CA LYS B 126 19.30 -22.46 14.54
C LYS B 126 20.27 -21.76 13.60
N TYR B 127 21.55 -21.69 13.99
CA TYR B 127 22.57 -20.99 13.23
C TYR B 127 23.25 -21.95 12.27
N VAL B 128 23.00 -21.74 10.98
CA VAL B 128 23.50 -22.62 9.93
C VAL B 128 24.57 -21.96 9.07
N CYS B 129 25.81 -22.47 9.13
CA CYS B 129 26.87 -22.18 8.13
C CYS B 129 27.42 -23.49 7.62
N SER B 130 27.16 -23.74 6.35
CA SER B 130 27.60 -24.95 5.71
C SER B 130 29.01 -24.86 5.19
N ASN B 131 29.57 -23.65 5.09
CA ASN B 131 30.84 -23.47 4.40
C ASN B 131 31.82 -22.58 5.12
N VAL B 132 31.62 -22.41 6.43
CA VAL B 132 32.55 -21.62 7.22
C VAL B 132 32.94 -22.38 8.50
N ASP B 133 34.25 -22.45 8.75
CA ASP B 133 34.80 -23.08 9.96
C ASP B 133 35.49 -22.03 10.83
N ILE B 134 35.56 -22.27 12.14
CA ILE B 134 36.29 -21.42 13.08
C ILE B 134 37.30 -22.27 13.91
N ARG B 135 38.44 -21.67 14.24
CA ARG B 135 39.47 -22.32 15.06
CA ARG B 135 39.49 -22.29 15.07
C ARG B 135 39.15 -22.20 16.54
N LEU B 136 39.05 -23.32 17.23
CA LEU B 136 38.88 -23.27 18.69
C LEU B 136 40.20 -22.96 19.42
N ASP B 137 40.13 -22.75 20.73
CA ASP B 137 41.33 -22.50 21.54
C ASP B 137 42.36 -23.65 21.49
N ASN B 138 41.87 -24.88 21.38
CA ASN B 138 42.74 -26.05 21.18
C ASN B 138 43.28 -26.25 19.75
N GLY B 139 42.96 -25.33 18.83
CA GLY B 139 43.54 -25.33 17.48
C GLY B 139 42.76 -26.09 16.43
N LEU B 140 41.66 -26.70 16.86
CA LEU B 140 40.76 -27.44 15.96
C LEU B 140 39.85 -26.49 15.17
N PHE B 141 39.81 -26.64 13.85
CA PHE B 141 38.79 -25.96 13.02
C PHE B 141 37.51 -26.76 13.02
N VAL B 142 36.45 -26.14 13.51
CA VAL B 142 35.14 -26.76 13.69
C VAL B 142 34.08 -25.93 12.92
N PRO B 143 32.89 -26.50 12.67
CA PRO B 143 31.90 -25.67 11.95
C PRO B 143 31.49 -24.44 12.77
N LEU B 144 31.30 -23.31 12.10
CA LEU B 144 30.78 -22.12 12.79
C LEU B 144 29.24 -22.19 12.82
N GLY B 145 28.69 -22.91 13.77
CA GLY B 145 27.26 -23.23 13.77
C GLY B 145 27.03 -24.66 13.29
N LEU B 146 25.83 -24.94 12.76
CA LEU B 146 25.50 -26.22 12.14
C LEU B 146 25.77 -26.20 10.65
N LYS B 147 26.18 -27.34 10.07
CA LYS B 147 26.33 -27.39 8.61
C LYS B 147 24.98 -27.54 7.88
N TYR B 148 24.00 -28.10 8.57
CA TYR B 148 22.65 -28.21 8.05
C TYR B 148 21.75 -28.40 9.24
N LYS B 149 20.45 -28.27 9.02
CA LYS B 149 19.47 -28.47 10.06
C LYS B 149 18.27 -29.16 9.48
N TYR B 150 17.85 -30.23 10.15
CA TYR B 150 16.65 -30.96 9.78
C TYR B 150 15.63 -30.75 10.90
N PHE B 151 14.41 -30.40 10.52
CA PHE B 151 13.36 -30.06 11.50
C PHE B 151 11.97 -30.16 10.87
N THR B 152 10.97 -30.27 11.70
CA THR B 152 9.59 -30.34 11.24
C THR B 152 8.86 -29.18 11.88
N THR B 153 8.07 -28.46 11.09
CA THR B 153 7.42 -27.24 11.56
C THR B 153 6.24 -27.60 12.47
N PRO B 154 5.96 -26.75 13.47
CA PRO B 154 4.99 -27.15 14.48
C PRO B 154 3.51 -27.10 14.08
N ILE B 155 3.15 -26.35 13.04
CA ILE B 155 1.72 -26.26 12.69
C ILE B 155 1.29 -27.26 11.62
N ARG B 156 2.04 -27.35 10.53
CA ARG B 156 1.65 -28.25 9.44
C ARG B 156 2.51 -29.52 9.34
N GLY B 157 3.48 -29.67 10.24
CA GLY B 157 4.44 -30.77 10.19
C GLY B 157 5.25 -30.87 8.91
N ILE B 158 5.62 -29.72 8.34
CA ILE B 158 6.43 -29.70 7.12
C ILE B 158 7.85 -30.16 7.48
N ARG B 159 8.38 -31.11 6.70
CA ARG B 159 9.74 -31.60 6.93
C ARG B 159 10.71 -30.73 6.15
N VAL B 160 11.56 -30.04 6.88
CA VAL B 160 12.46 -29.07 6.29
C VAL B 160 13.92 -29.42 6.50
N MET B 161 14.72 -29.30 5.44
CA MET B 161 16.16 -29.25 5.59
C MET B 161 16.70 -27.88 5.20
N ALA B 162 17.53 -27.32 6.06
CA ALA B 162 18.13 -26.01 5.84
C ALA B 162 19.67 -26.09 5.70
N PHE B 163 20.20 -25.33 4.75
CA PHE B 163 21.64 -25.10 4.61
C PHE B 163 21.90 -23.61 4.67
N GLY B 164 23.16 -23.23 4.84
CA GLY B 164 23.55 -21.82 4.94
C GLY B 164 24.86 -21.62 4.23
N PHE B 165 24.86 -20.80 3.18
CA PHE B 165 26.08 -20.57 2.40
C PHE B 165 26.47 -19.09 2.27
N LEU B 166 27.62 -18.75 2.83
CA LEU B 166 28.28 -17.49 2.60
C LEU B 166 28.83 -17.44 1.18
N PHE B 167 28.86 -16.24 0.58
CA PHE B 167 29.39 -16.07 -0.77
C PHE B 167 30.88 -16.39 -0.79
N ASP B 168 31.45 -16.43 -1.98
CA ASP B 168 32.90 -16.68 -2.13
C ASP B 168 33.75 -15.50 -1.62
N PHE B 169 33.83 -15.39 -0.30
CA PHE B 169 34.45 -14.27 0.38
C PHE B 169 35.91 -14.59 0.61
N LYS B 170 36.78 -13.62 0.34
CA LYS B 170 38.22 -13.84 0.32
C LYS B 170 38.96 -13.24 1.51
N ARG B 171 38.39 -12.25 2.18
CA ARG B 171 39.14 -11.51 3.20
C ARG B 171 38.83 -11.95 4.64
N PHE B 172 38.50 -13.22 4.81
CA PHE B 172 38.26 -13.76 6.13
C PHE B 172 39.56 -13.87 6.95
N ASN B 173 39.46 -13.66 8.27
CA ASN B 173 40.62 -13.67 9.15
C ASN B 173 41.20 -15.09 9.30
N SER B 174 42.47 -15.17 9.75
CA SER B 174 43.23 -16.42 9.82
CA SER B 174 43.25 -16.41 9.83
C SER B 174 42.66 -17.44 10.79
N GLY B 175 41.83 -16.97 11.72
CA GLY B 175 41.15 -17.86 12.65
C GLY B 175 39.89 -18.55 12.11
N THR B 176 39.60 -18.38 10.82
CA THR B 176 38.40 -18.97 10.19
C THR B 176 38.76 -19.43 8.80
N ARG B 177 37.91 -20.30 8.23
CA ARG B 177 38.06 -20.75 6.84
CA ARG B 177 38.06 -20.80 6.86
C ARG B 177 36.73 -20.71 6.12
N VAL B 178 36.73 -20.09 4.95
CA VAL B 178 35.54 -20.08 4.08
C VAL B 178 35.85 -20.96 2.88
N THR B 179 34.89 -21.79 2.49
CA THR B 179 34.99 -22.63 1.30
C THR B 179 33.90 -22.16 0.34
N PRO B 180 34.25 -21.93 -0.96
CA PRO B 180 33.19 -21.58 -1.89
C PRO B 180 32.11 -22.65 -1.93
N MET B 181 30.83 -22.25 -2.00
CA MET B 181 29.73 -23.21 -1.96
C MET B 181 29.74 -24.25 -3.09
N ALA B 182 30.33 -23.88 -4.23
CA ALA B 182 30.48 -24.79 -5.38
C ALA B 182 31.45 -25.95 -5.09
N GLU B 183 32.40 -25.74 -4.18
CA GLU B 183 33.24 -26.81 -3.61
C GLU B 183 32.54 -27.61 -2.50
N THR B 184 31.85 -26.91 -1.59
CA THR B 184 31.09 -27.51 -0.48
C THR B 184 30.11 -28.58 -0.91
N ILE B 185 29.44 -28.36 -2.03
CA ILE B 185 28.42 -29.29 -2.50
C ILE B 185 28.95 -30.66 -2.93
N HIS B 186 30.26 -30.78 -3.10
CA HIS B 186 30.89 -32.07 -3.37
C HIS B 186 31.51 -32.75 -2.14
N GLU B 187 31.39 -32.14 -0.96
CA GLU B 187 31.93 -32.72 0.28
C GLU B 187 31.05 -33.86 0.80
N PRO B 188 31.68 -34.90 1.42
CA PRO B 188 30.99 -36.08 1.99
C PRO B 188 29.77 -35.80 2.89
N TRP B 189 29.87 -34.89 3.85
CA TRP B 189 28.73 -34.59 4.75
C TRP B 189 27.48 -34.18 3.95
N PHE B 190 27.68 -33.42 2.87
CA PHE B 190 26.62 -32.87 2.06
C PHE B 190 25.86 -33.98 1.35
N GLN B 191 26.58 -34.93 0.78
CA GLN B 191 25.95 -36.10 0.14
C GLN B 191 25.07 -36.90 1.11
N GLU B 192 25.49 -36.99 2.37
CA GLU B 192 24.67 -37.66 3.39
C GLU B 192 23.45 -36.86 3.83
N ALA B 193 23.58 -35.54 3.92
CA ALA B 193 22.42 -34.69 4.21
C ALA B 193 21.34 -34.85 3.13
N LEU B 194 21.77 -35.01 1.88
CA LEU B 194 20.86 -35.15 0.76
C LEU B 194 20.04 -36.45 0.77
N LYS B 195 20.34 -37.34 1.71
CA LYS B 195 19.61 -38.61 1.83
C LYS B 195 18.29 -38.46 2.59
N HIS B 196 18.09 -37.35 3.28
CA HIS B 196 16.86 -37.16 4.08
C HIS B 196 15.62 -36.93 3.24
N GLU B 197 14.48 -37.42 3.72
CA GLU B 197 13.19 -37.13 3.12
CA GLU B 197 13.19 -37.13 3.11
C GLU B 197 12.67 -35.78 3.60
N VAL B 198 12.47 -34.85 2.67
CA VAL B 198 12.03 -33.50 3.00
C VAL B 198 10.82 -33.06 2.17
N ASP B 199 10.07 -32.11 2.71
CA ASP B 199 8.98 -31.48 1.98
C ASP B 199 9.42 -30.13 1.43
N LEU B 200 10.49 -29.59 2.01
CA LEU B 200 10.93 -28.23 1.73
C LEU B 200 12.42 -28.10 2.04
N ILE B 201 13.18 -27.54 1.12
CA ILE B 201 14.57 -27.22 1.39
C ILE B 201 14.68 -25.68 1.49
N ILE B 202 15.29 -25.19 2.57
CA ILE B 202 15.57 -23.78 2.72
C ILE B 202 17.07 -23.53 2.59
N ILE B 203 17.46 -22.60 1.73
CA ILE B 203 18.85 -22.24 1.63
C ILE B 203 19.01 -20.79 2.05
N VAL B 204 19.50 -20.60 3.27
CA VAL B 204 19.81 -19.26 3.76
CA VAL B 204 19.81 -19.25 3.73
C VAL B 204 21.25 -18.98 3.30
N GLY B 205 21.58 -17.73 3.04
CA GLY B 205 22.95 -17.48 2.68
C GLY B 205 23.22 -16.02 2.58
N HIS B 206 24.38 -15.61 3.08
CA HIS B 206 24.84 -14.25 2.86
C HIS B 206 25.48 -14.17 1.49
N THR B 207 24.64 -14.10 0.46
CA THR B 207 25.04 -14.26 -0.93
C THR B 207 23.93 -13.61 -1.74
N PRO B 208 24.28 -12.76 -2.73
CA PRO B 208 23.23 -12.23 -3.63
C PRO B 208 22.45 -13.33 -4.35
N ILE B 209 21.15 -13.12 -4.51
CA ILE B 209 20.31 -14.08 -5.22
C ILE B 209 20.30 -13.84 -6.73
N SER B 210 20.85 -12.71 -7.16
CA SER B 210 20.91 -12.35 -8.57
C SER B 210 21.50 -13.46 -9.42
N HIS B 211 20.88 -13.71 -10.57
CA HIS B 211 21.44 -14.61 -11.58
C HIS B 211 22.79 -14.14 -12.07
N ASN B 212 23.05 -12.83 -12.00
CA ASN B 212 24.38 -12.27 -12.30
C ASN B 212 25.45 -12.63 -11.29
N TRP B 213 25.05 -12.96 -10.06
CA TRP B 213 26.01 -13.41 -9.06
C TRP B 213 26.30 -14.89 -9.29
N GLY B 214 25.26 -15.71 -9.30
CA GLY B 214 25.37 -17.04 -9.89
C GLY B 214 25.88 -18.18 -9.05
N GLU B 215 26.23 -17.94 -7.79
CA GLU B 215 26.66 -19.02 -6.89
C GLU B 215 25.52 -19.96 -6.50
N PHE B 216 24.38 -19.38 -6.12
CA PHE B 216 23.20 -20.14 -5.72
C PHE B 216 22.69 -21.03 -6.85
N TYR B 217 22.85 -20.55 -8.08
CA TYR B 217 22.43 -21.31 -9.27
C TYR B 217 23.18 -22.63 -9.41
N GLN B 218 24.48 -22.64 -9.13
CA GLN B 218 25.27 -23.88 -9.18
C GLN B 218 24.82 -24.87 -8.11
N VAL B 219 24.55 -24.34 -6.92
CA VAL B 219 23.96 -25.15 -5.86
C VAL B 219 22.62 -25.70 -6.29
N HIS B 220 21.79 -24.87 -6.93
CA HIS B 220 20.47 -25.31 -7.36
C HIS B 220 20.50 -26.50 -8.32
N GLN B 221 21.41 -26.43 -9.28
CA GLN B 221 21.58 -27.45 -10.33
C GLN B 221 21.92 -28.80 -9.69
N TYR B 222 22.84 -28.79 -8.73
CA TYR B 222 23.18 -29.97 -7.95
C TYR B 222 21.99 -30.54 -7.16
N LEU B 223 21.28 -29.68 -6.43
CA LEU B 223 20.14 -30.11 -5.61
C LEU B 223 19.02 -30.71 -6.42
N ARG B 224 18.79 -30.17 -7.61
CA ARG B 224 17.74 -30.68 -8.49
C ARG B 224 18.03 -32.08 -9.03
N GLN B 225 19.31 -32.49 -9.08
CA GLN B 225 19.67 -33.87 -9.44
C GLN B 225 19.09 -34.87 -8.44
N PHE B 226 19.14 -34.51 -7.16
CA PHE B 226 18.67 -35.35 -6.06
C PHE B 226 17.23 -35.09 -5.64
N PHE B 227 16.74 -33.87 -5.89
CA PHE B 227 15.39 -33.46 -5.48
C PHE B 227 14.73 -32.73 -6.62
N PRO B 228 14.27 -33.47 -7.66
CA PRO B 228 13.74 -32.81 -8.86
C PRO B 228 12.34 -32.20 -8.72
N ASP B 229 11.59 -32.55 -7.68
CA ASP B 229 10.28 -31.92 -7.48
C ASP B 229 9.99 -31.49 -6.04
N THR B 230 11.05 -31.14 -5.33
CA THR B 230 10.96 -30.56 -4.00
C THR B 230 11.03 -29.02 -4.13
N ILE B 231 10.24 -28.34 -3.32
CA ILE B 231 10.31 -26.88 -3.24
C ILE B 231 11.61 -26.46 -2.57
N ILE B 232 12.37 -25.58 -3.21
CA ILE B 232 13.58 -25.06 -2.63
C ILE B 232 13.41 -23.55 -2.56
N GLN B 233 13.55 -22.98 -1.36
CA GLN B 233 13.45 -21.51 -1.20
C GLN B 233 14.77 -20.93 -0.72
N TYR B 234 15.28 -19.93 -1.45
CA TYR B 234 16.54 -19.28 -1.10
C TYR B 234 16.28 -17.94 -0.38
N PHE B 235 17.18 -17.58 0.51
CA PHE B 235 17.13 -16.33 1.28
C PHE B 235 18.52 -15.75 1.28
N GLY B 236 18.75 -14.75 0.42
CA GLY B 236 20.06 -14.18 0.22
C GLY B 236 20.27 -12.80 0.81
N GLY B 237 21.40 -12.19 0.49
CA GLY B 237 21.78 -10.93 1.10
C GLY B 237 23.03 -10.39 0.47
N HIS B 238 23.81 -9.65 1.26
CA HIS B 238 25.10 -9.09 0.88
C HIS B 238 25.05 -7.84 -0.01
N SER B 239 24.29 -7.89 -1.10
CA SER B 239 24.32 -6.78 -2.08
C SER B 239 23.36 -5.64 -1.76
N HIS B 240 22.69 -5.70 -0.59
CA HIS B 240 21.94 -4.54 -0.04
C HIS B 240 20.65 -4.13 -0.77
N ILE B 241 20.12 -4.97 -1.66
CA ILE B 241 18.91 -4.65 -2.41
C ILE B 241 17.74 -5.55 -2.07
N ARG B 242 16.55 -5.04 -2.34
CA ARG B 242 15.35 -5.84 -2.46
C ARG B 242 15.40 -6.57 -3.79
N ASP B 243 15.19 -7.88 -3.77
CA ASP B 243 15.25 -8.67 -5.00
C ASP B 243 14.43 -9.94 -4.84
N PHE B 244 14.01 -10.49 -5.97
CA PHE B 244 13.27 -11.74 -5.99
C PHE B 244 13.64 -12.41 -7.30
N THR B 245 13.98 -13.70 -7.23
N THR B 245 14.10 -13.65 -7.22
CA THR B 245 14.54 -14.44 -8.35
CA THR B 245 14.48 -14.41 -8.41
C THR B 245 13.81 -15.77 -8.48
C THR B 245 13.67 -15.69 -8.48
N VAL B 246 13.41 -16.14 -9.70
CA VAL B 246 12.79 -17.45 -9.93
C VAL B 246 13.92 -18.38 -10.40
N PHE B 247 14.08 -19.52 -9.73
CA PHE B 247 15.04 -20.55 -10.18
C PHE B 247 14.37 -21.52 -11.17
N ASP B 248 13.17 -21.98 -10.81
CA ASP B 248 12.27 -22.78 -11.68
C ASP B 248 10.87 -22.68 -11.10
N SER B 249 9.94 -23.50 -11.57
CA SER B 249 8.55 -23.42 -11.13
C SER B 249 8.35 -23.86 -9.67
N LEU B 250 9.35 -24.54 -9.11
CA LEU B 250 9.31 -24.96 -7.70
C LEU B 250 10.43 -24.34 -6.84
N SER B 251 10.94 -23.19 -7.23
CA SER B 251 12.02 -22.59 -6.48
C SER B 251 12.20 -21.11 -6.76
N THR B 252 12.29 -20.33 -5.68
CA THR B 252 12.58 -18.90 -5.77
C THR B 252 13.58 -18.46 -4.71
N GLY B 253 14.08 -17.24 -4.85
CA GLY B 253 14.98 -16.64 -3.89
C GLY B 253 14.47 -15.27 -3.52
N LEU B 254 14.65 -14.89 -2.25
CA LEU B 254 14.25 -13.58 -1.74
C LEU B 254 15.46 -12.88 -1.16
N GLN B 255 15.59 -11.58 -1.44
CA GLN B 255 16.63 -10.78 -0.82
C GLN B 255 15.98 -9.52 -0.22
N SER B 256 16.38 -9.12 1.00
CA SER B 256 15.55 -8.15 1.74
C SER B 256 16.21 -6.85 2.16
N GLY B 257 16.96 -6.23 1.24
CA GLY B 257 17.46 -4.88 1.52
C GLY B 257 18.62 -4.75 2.48
N ARG B 258 18.58 -3.70 3.30
CA ARG B 258 19.73 -3.30 4.08
C ARG B 258 19.22 -2.45 5.22
N TYR B 259 20.04 -2.38 6.26
CA TYR B 259 20.00 -1.37 7.31
C TYR B 259 18.70 -1.25 8.05
N CYS B 260 17.98 -2.36 8.22
CA CYS B 260 16.63 -2.32 8.80
C CYS B 260 15.70 -1.29 8.12
N GLU B 261 15.75 -1.24 6.79
CA GLU B 261 14.81 -0.47 6.01
C GLU B 261 13.68 -1.38 5.55
N THR B 262 13.92 -2.69 5.60
CA THR B 262 13.08 -3.64 4.90
C THR B 262 12.92 -4.89 5.76
N VAL B 263 11.68 -5.38 5.81
CA VAL B 263 11.38 -6.76 6.18
C VAL B 263 10.91 -7.52 4.94
N GLY B 264 11.67 -8.56 4.55
CA GLY B 264 11.24 -9.38 3.41
C GLY B 264 10.12 -10.34 3.80
N TRP B 265 9.25 -10.63 2.84
CA TRP B 265 8.14 -11.56 3.04
C TRP B 265 8.06 -12.48 1.85
N THR B 266 7.82 -13.77 2.09
CA THR B 266 7.49 -14.72 1.02
C THR B 266 6.56 -15.78 1.61
N SER B 267 5.54 -16.16 0.85
CA SER B 267 4.69 -17.27 1.25
C SER B 267 4.68 -18.31 0.15
N VAL B 268 4.51 -19.58 0.54
CA VAL B 268 4.64 -20.70 -0.39
C VAL B 268 3.55 -21.73 -0.17
N ASN B 269 2.88 -22.10 -1.27
CA ASN B 269 1.89 -23.17 -1.30
C ASN B 269 2.66 -24.49 -1.36
N LEU B 270 2.28 -25.43 -0.50
CA LEU B 270 3.01 -26.70 -0.40
C LEU B 270 2.30 -27.93 -1.01
N ASP B 271 1.37 -27.67 -1.93
CA ASP B 271 0.75 -28.70 -2.78
C ASP B 271 1.79 -29.47 -3.56
N LYS B 272 1.46 -30.72 -3.89
CA LYS B 272 2.32 -31.58 -4.70
C LYS B 272 2.67 -30.92 -6.02
N ALA B 273 3.90 -31.12 -6.48
CA ALA B 273 4.40 -30.56 -7.73
C ALA B 273 3.58 -30.98 -8.94
N ASP B 274 3.02 -32.19 -8.86
CA ASP B 274 2.20 -32.83 -9.89
C ASP B 274 0.99 -31.99 -10.28
N LEU B 275 0.53 -31.16 -9.34
CA LEU B 275 -0.61 -30.26 -9.55
C LEU B 275 -0.32 -29.10 -10.50
N ASN B 276 0.95 -28.92 -10.88
CA ASN B 276 1.40 -27.98 -11.91
C ASN B 276 0.99 -26.52 -11.74
N LEU B 277 1.27 -25.95 -10.57
CA LEU B 277 0.87 -24.57 -10.31
C LEU B 277 1.79 -23.61 -11.04
N PRO B 278 1.23 -22.55 -11.64
CA PRO B 278 2.11 -21.49 -12.13
C PRO B 278 2.93 -20.93 -10.95
N VAL B 279 4.16 -20.49 -11.25
CA VAL B 279 5.10 -20.06 -10.22
C VAL B 279 4.52 -18.90 -9.40
N ARG B 280 3.82 -17.97 -10.07
CA ARG B 280 3.17 -16.84 -9.39
C ARG B 280 1.93 -17.19 -8.57
N GLN B 281 1.41 -18.40 -8.73
CA GLN B 281 0.31 -18.87 -7.87
C GLN B 281 0.85 -19.53 -6.60
N ARG B 282 1.95 -20.25 -6.74
CA ARG B 282 2.54 -20.98 -5.64
C ARG B 282 3.29 -20.04 -4.67
N PHE B 283 4.10 -19.16 -5.25
CA PHE B 283 4.91 -18.19 -4.50
C PHE B 283 4.34 -16.79 -4.56
N SER B 284 4.47 -16.09 -3.45
CA SER B 284 4.18 -14.67 -3.39
C SER B 284 5.26 -14.01 -2.56
N ARG B 285 5.62 -12.77 -2.94
CA ARG B 285 6.67 -12.07 -2.20
C ARG B 285 6.30 -10.63 -1.95
N SER B 286 6.80 -10.07 -0.86
CA SER B 286 6.67 -8.63 -0.59
C SER B 286 7.91 -8.09 0.09
N TYR B 287 8.10 -6.78 0.03
CA TYR B 287 9.14 -6.10 0.80
C TYR B 287 8.44 -5.04 1.64
N ILE B 288 8.55 -5.16 2.95
CA ILE B 288 7.79 -4.31 3.89
C ILE B 288 8.68 -3.19 4.42
N ASP B 289 8.24 -1.93 4.33
CA ASP B 289 9.05 -0.85 4.88
C ASP B 289 9.10 -1.01 6.39
N PHE B 290 10.26 -0.68 6.98
CA PHE B 290 10.49 -0.91 8.40
C PHE B 290 9.93 0.29 9.20
N ASN B 291 8.61 0.39 9.25
CA ASN B 291 7.93 1.41 10.05
C ASN B 291 6.63 0.87 10.64
N THR B 292 6.12 1.53 11.68
CA THR B 292 4.92 1.04 12.33
C THR B 292 3.65 1.23 11.49
N ASP B 293 3.65 2.15 10.53
CA ASP B 293 2.51 2.27 9.59
C ASP B 293 2.35 0.98 8.79
N SER B 294 3.44 0.49 8.19
CA SER B 294 3.43 -0.85 7.52
C SER B 294 3.13 -1.97 8.52
N PHE B 295 3.84 -2.02 9.64
CA PHE B 295 3.62 -3.09 10.64
C PHE B 295 2.16 -3.17 11.12
N LYS B 296 1.57 -2.02 11.44
CA LYS B 296 0.16 -1.96 11.86
C LYS B 296 -0.78 -2.34 10.74
N TYR B 297 -0.47 -1.93 9.52
CA TYR B 297 -1.32 -2.31 8.39
C TYR B 297 -1.44 -3.84 8.19
N HIS B 298 -0.30 -4.51 8.19
CA HIS B 298 -0.30 -5.96 7.88
C HIS B 298 -0.83 -6.83 9.01
N THR B 299 -0.69 -6.36 10.24
CA THR B 299 -1.25 -7.04 11.43
C THR B 299 -2.68 -6.66 11.77
N ASN B 300 -3.18 -5.60 11.15
CA ASN B 300 -4.52 -5.06 11.42
C ASN B 300 -4.76 -4.60 12.85
N LEU B 301 -3.71 -4.07 13.48
CA LEU B 301 -3.80 -3.62 14.85
C LEU B 301 -3.22 -2.22 14.89
N ASP B 302 -3.78 -1.32 15.70
CA ASP B 302 -3.15 -0.02 15.90
CA ASP B 302 -3.20 0.00 15.89
C ASP B 302 -3.00 0.26 17.39
N LYS B 303 -4.12 0.38 18.10
CA LYS B 303 -4.11 0.59 19.54
C LYS B 303 -3.49 -0.64 20.22
N GLU B 304 -3.76 -1.82 19.68
CA GLU B 304 -3.29 -3.06 20.27
C GLU B 304 -1.98 -3.56 19.67
N PHE B 305 -1.28 -2.70 18.92
CA PHE B 305 -0.05 -3.13 18.27
C PHE B 305 1.09 -3.41 19.25
N ASP B 306 1.37 -2.47 20.15
CA ASP B 306 2.48 -2.65 21.10
C ASP B 306 2.27 -3.88 21.99
N THR B 307 3.36 -4.60 22.23
CA THR B 307 3.36 -5.71 23.16
C THR B 307 4.30 -5.35 24.30
N ALA B 308 4.12 -6.00 25.45
CA ALA B 308 4.99 -5.78 26.60
C ALA B 308 6.45 -6.08 26.28
N LYS B 309 6.70 -7.21 25.62
CA LYS B 309 8.08 -7.61 25.26
C LYS B 309 8.71 -6.60 24.29
N GLY B 310 7.92 -6.14 23.33
CA GLY B 310 8.38 -5.18 22.35
C GLY B 310 8.77 -3.84 22.96
N LYS B 311 7.95 -3.32 23.85
CA LYS B 311 8.24 -2.07 24.55
C LYS B 311 9.47 -2.19 25.46
N LEU B 312 9.68 -3.38 26.03
CA LEU B 312 10.86 -3.64 26.85
C LEU B 312 12.15 -3.56 26.05
N VAL B 313 12.09 -4.09 24.83
CA VAL B 313 13.24 -4.05 23.93
C VAL B 313 13.49 -2.62 23.47
N SER B 314 12.43 -1.89 23.10
CA SER B 314 12.61 -0.45 22.74
C SER B 314 13.26 0.35 23.90
N LYS B 315 12.87 0.04 25.13
CA LYS B 315 13.46 0.62 26.32
C LYS B 315 14.92 0.25 26.49
N LEU B 316 15.26 -1.02 26.28
CA LEU B 316 16.64 -1.45 26.34
C LEU B 316 17.50 -0.75 25.28
N ILE B 317 16.91 -0.47 24.10
CA ILE B 317 17.64 0.25 23.05
C ILE B 317 17.93 1.70 23.51
N ARG B 318 16.91 2.38 24.03
CA ARG B 318 17.07 3.75 24.55
C ARG B 318 18.11 3.78 25.66
N GLU B 319 18.02 2.84 26.60
CA GLU B 319 19.03 2.76 27.67
C GLU B 319 20.45 2.47 27.18
N THR B 320 20.60 1.54 26.24
CA THR B 320 21.89 1.26 25.62
C THR B 320 22.48 2.47 24.89
N ARG B 321 21.66 3.19 24.12
CA ARG B 321 22.13 4.40 23.39
C ARG B 321 22.68 5.45 24.35
N LYS B 322 21.93 5.70 25.44
CA LYS B 322 22.36 6.57 26.53
C LYS B 322 23.69 6.16 27.15
N GLU B 323 23.80 4.89 27.55
CA GLU B 323 25.02 4.34 28.13
CA GLU B 323 25.03 4.32 28.11
C GLU B 323 26.23 4.56 27.22
N LEU B 324 26.07 4.33 25.91
CA LEU B 324 27.16 4.47 24.94
C LEU B 324 27.35 5.90 24.43
N LYS B 325 26.50 6.81 24.89
CA LYS B 325 26.57 8.23 24.54
C LYS B 325 26.46 8.47 23.03
N LEU B 326 25.67 7.65 22.35
CA LEU B 326 25.54 7.70 20.88
C LEU B 326 24.94 9.02 20.37
N ASP B 327 24.03 9.60 21.14
CA ASP B 327 23.37 10.82 20.69
C ASP B 327 24.00 12.12 21.22
N THR B 328 25.20 12.00 21.79
CA THR B 328 26.03 13.15 22.16
C THR B 328 26.44 13.90 20.89
N LEU B 329 26.07 15.18 20.84
CA LEU B 329 26.37 16.09 19.73
C LEU B 329 27.85 16.39 19.53
N ILE B 330 28.33 16.25 18.29
CA ILE B 330 29.70 16.58 17.92
C ILE B 330 29.71 17.93 17.16
N GLY B 331 28.73 18.12 16.29
CA GLY B 331 28.58 19.37 15.55
C GLY B 331 27.38 19.37 14.65
N TYR B 332 27.32 20.31 13.72
CA TYR B 332 26.22 20.43 12.78
C TYR B 332 26.72 20.33 11.34
N VAL B 333 25.98 19.58 10.52
CA VAL B 333 26.30 19.51 9.09
C VAL B 333 25.39 20.54 8.40
N LYS B 334 26.01 21.39 7.57
CA LYS B 334 25.31 22.55 7.05
C LYS B 334 24.41 22.23 5.87
N THR B 335 24.74 21.18 5.11
CA THR B 335 23.91 20.76 3.98
C THR B 335 23.96 19.24 3.78
N ASN B 336 23.02 18.67 3.03
CA ASN B 336 22.98 17.23 2.76
C ASN B 336 24.12 16.84 1.81
N TYR B 337 24.83 15.77 2.12
CA TYR B 337 25.79 15.17 1.17
C TYR B 337 25.39 13.73 0.94
N TYR B 338 25.39 13.30 -0.32
CA TYR B 338 24.81 12.01 -0.68
C TYR B 338 25.83 11.02 -1.18
N VAL B 339 25.60 9.74 -0.93
CA VAL B 339 26.42 8.69 -1.53
C VAL B 339 26.26 8.62 -3.05
N ASP B 340 25.02 8.58 -3.56
CA ASP B 340 24.84 8.40 -5.02
C ASP B 340 23.57 9.01 -5.65
N TYR B 341 22.90 9.91 -4.94
CA TYR B 341 21.77 10.64 -5.53
C TYR B 341 22.25 11.69 -6.53
N VAL B 342 23.54 12.02 -6.41
CA VAL B 342 24.28 12.82 -7.36
C VAL B 342 25.58 12.07 -7.62
N PRO B 343 26.27 12.38 -8.75
CA PRO B 343 27.52 11.67 -9.02
C PRO B 343 28.71 12.29 -8.27
N ILE B 344 29.88 11.63 -8.31
CA ILE B 344 30.98 11.97 -7.38
C ILE B 344 31.59 13.38 -7.54
N ASP B 345 31.38 13.99 -8.70
CA ASP B 345 31.94 15.32 -8.94
C ASP B 345 30.94 16.44 -8.68
N HIS B 346 29.75 16.08 -8.21
CA HIS B 346 28.75 17.08 -7.86
C HIS B 346 29.08 17.63 -6.46
N PRO B 347 28.86 18.93 -6.22
CA PRO B 347 29.18 19.47 -4.89
C PRO B 347 28.41 18.88 -3.69
N LYS B 348 27.24 18.29 -3.94
CA LYS B 348 26.46 17.64 -2.87
CA LYS B 348 26.44 17.64 -2.90
C LYS B 348 26.76 16.15 -2.73
N SER B 349 27.80 15.67 -3.43
CA SER B 349 28.27 14.32 -3.27
C SER B 349 29.15 14.23 -2.04
N ILE B 350 28.88 13.26 -1.17
CA ILE B 350 29.77 13.01 -0.04
C ILE B 350 31.20 12.70 -0.51
N PHE B 351 31.33 12.15 -1.72
CA PHE B 351 32.66 11.78 -2.23
C PHE B 351 33.42 13.01 -2.69
N ASN B 352 32.69 14.00 -3.19
CA ASN B 352 33.28 15.29 -3.48
C ASN B 352 33.77 16.00 -2.22
N LEU B 353 32.92 16.03 -1.19
CA LEU B 353 33.30 16.57 0.11
C LEU B 353 34.56 15.90 0.63
N LEU B 354 34.64 14.58 0.49
CA LEU B 354 35.86 13.86 0.87
C LEU B 354 37.08 14.23 0.05
N ALA B 355 36.93 14.25 -1.27
CA ALA B 355 38.04 14.49 -2.18
C ALA B 355 38.52 15.94 -2.11
N LEU B 356 37.59 16.86 -1.87
CA LEU B 356 37.84 18.30 -1.87
C LEU B 356 38.25 18.87 -0.49
N LYS B 357 37.70 18.31 0.60
CA LYS B 357 37.90 18.92 1.92
C LYS B 357 38.44 18.03 3.00
N ILE B 358 37.85 16.86 3.18
CA ILE B 358 38.15 16.02 4.33
C ILE B 358 39.45 15.21 4.24
N LEU B 359 39.68 14.57 3.10
CA LEU B 359 40.92 13.81 2.93
C LEU B 359 42.16 14.72 2.99
N LYS B 360 42.00 16.00 2.62
CA LYS B 360 43.08 16.99 2.68
C LYS B 360 43.52 17.29 4.12
N THR B 361 42.68 16.94 5.10
CA THR B 361 42.99 17.22 6.50
C THR B 361 43.93 16.19 7.13
N LEU B 362 44.17 15.08 6.42
CA LEU B 362 45.18 14.11 6.82
C LEU B 362 46.55 14.82 6.84
N PRO B 363 47.38 14.61 7.89
CA PRO B 363 48.65 15.36 8.10
C PRO B 363 49.59 15.38 6.87
N LYS B 364 49.94 16.59 6.44
CA LYS B 364 50.77 16.80 5.23
C LYS B 364 51.95 17.74 5.50
N SER B 365 53.14 17.33 5.06
CA SER B 365 54.35 18.18 5.04
C SER B 365 54.19 19.40 4.12
N LYS B 366 55.03 20.41 4.35
CA LYS B 366 54.87 21.74 3.75
C LYS B 366 54.89 21.78 2.20
N HIS B 367 55.74 20.95 1.60
CA HIS B 367 55.88 20.87 0.14
C HIS B 367 55.68 19.45 -0.37
N GLU B 368 55.02 18.63 0.45
CA GLU B 368 54.70 17.24 0.10
C GLU B 368 53.68 17.19 -1.04
N GLU B 369 53.88 16.25 -1.94
CA GLU B 369 52.93 16.01 -3.00
C GLU B 369 52.33 14.64 -2.80
N ARG B 370 51.01 14.60 -2.73
CA ARG B 370 50.33 13.31 -2.55
C ARG B 370 49.03 13.18 -3.32
N ILE B 371 48.68 11.92 -3.59
CA ILE B 371 47.37 11.54 -4.08
C ILE B 371 46.84 10.46 -3.16
N THR B 372 45.74 10.79 -2.48
CA THR B 372 45.07 9.87 -1.57
C THR B 372 43.88 9.21 -2.25
N ILE B 373 43.85 7.87 -2.21
CA ILE B 373 42.82 7.08 -2.86
C ILE B 373 42.04 6.25 -1.84
N ILE B 374 40.72 6.36 -1.86
CA ILE B 374 39.84 5.47 -1.08
C ILE B 374 38.84 4.78 -1.98
N ASN B 375 38.37 3.59 -1.59
CA ASN B 375 37.29 2.98 -2.33
C ASN B 375 35.94 3.56 -1.89
N THR B 376 34.99 3.63 -2.82
CA THR B 376 33.68 4.22 -2.49
C THR B 376 32.86 3.39 -1.52
N GLY B 377 33.07 2.06 -1.49
CA GLY B 377 32.38 1.19 -0.53
C GLY B 377 32.77 1.41 0.92
N SER B 378 33.79 2.23 1.17
CA SER B 378 34.18 2.53 2.54
C SER B 378 33.27 3.59 3.17
N ILE B 379 32.42 4.20 2.35
CA ILE B 379 31.40 5.13 2.85
C ILE B 379 30.04 4.44 2.81
N ARG B 380 29.29 4.51 3.92
CA ARG B 380 28.15 3.60 4.11
C ARG B 380 26.80 4.27 4.21
N TYR B 381 26.78 5.61 4.20
CA TYR B 381 25.51 6.32 4.38
C TYR B 381 25.69 7.78 3.99
N ASP B 382 24.58 8.45 3.70
CA ASP B 382 24.57 9.89 3.41
C ASP B 382 24.91 10.66 4.68
N LEU B 383 25.37 11.90 4.50
CA LEU B 383 25.72 12.78 5.60
C LEU B 383 24.66 13.86 5.57
N TYR B 384 23.66 13.69 6.44
CA TYR B 384 22.48 14.53 6.44
C TYR B 384 22.75 15.82 7.17
N LYS B 385 22.13 16.90 6.69
CA LYS B 385 22.27 18.19 7.36
C LYS B 385 21.58 18.16 8.70
N GLY B 386 22.14 18.92 9.63
CA GLY B 386 21.61 19.01 10.98
C GLY B 386 22.62 18.42 11.94
N PRO B 387 22.15 17.94 13.10
CA PRO B 387 23.02 17.47 14.19
C PRO B 387 23.85 16.27 13.75
N TYR B 388 25.14 16.32 14.04
CA TYR B 388 26.03 15.22 13.80
C TYR B 388 26.53 14.76 15.16
N THR B 389 26.33 13.48 15.46
CA THR B 389 26.56 12.94 16.79
C THR B 389 27.68 11.87 16.79
N ILE B 390 27.97 11.33 17.96
CA ILE B 390 28.92 10.21 18.05
C ILE B 390 28.54 9.04 17.13
N ASP B 391 27.24 8.74 17.06
CA ASP B 391 26.69 7.67 16.23
C ASP B 391 26.92 7.91 14.72
N SER B 392 26.83 9.16 14.31
CA SER B 392 26.95 9.56 12.91
C SER B 392 28.23 9.09 12.22
N LYS B 393 29.35 9.15 12.93
CA LYS B 393 30.63 8.64 12.43
C LYS B 393 30.55 7.18 11.96
N PHE B 394 29.90 6.34 12.76
CA PHE B 394 29.88 4.90 12.50
C PHE B 394 28.90 4.56 11.39
N ILE B 395 27.87 5.38 11.26
CA ILE B 395 26.90 5.29 10.20
C ILE B 395 27.54 5.62 8.85
N VAL B 396 28.30 6.71 8.78
CA VAL B 396 28.91 7.13 7.52
C VAL B 396 30.25 6.42 7.23
N SER B 397 31.12 6.32 8.23
CA SER B 397 32.45 5.75 8.03
C SER B 397 32.84 4.77 9.16
N PRO B 398 32.28 3.54 9.15
CA PRO B 398 32.57 2.59 10.24
C PRO B 398 33.93 1.87 10.21
N PHE B 399 34.64 1.91 9.09
CA PHE B 399 35.81 1.06 8.93
C PHE B 399 37.06 1.71 9.47
N GLU B 400 37.80 0.89 10.23
CA GLU B 400 39.00 1.33 10.89
C GLU B 400 40.17 0.99 9.95
N ASN B 401 40.24 1.70 8.84
CA ASN B 401 41.30 1.48 7.88
C ASN B 401 42.42 2.46 8.17
N ILE B 402 43.64 1.94 8.31
CA ILE B 402 44.80 2.81 8.46
C ILE B 402 45.43 3.04 7.08
N TRP B 403 46.20 4.11 6.98
CA TRP B 403 46.78 4.54 5.72
C TRP B 403 48.22 4.07 5.53
N VAL B 404 48.50 3.46 4.38
CA VAL B 404 49.87 3.21 3.96
C VAL B 404 50.21 4.08 2.73
N ASN B 405 51.48 4.10 2.35
CA ASN B 405 51.92 4.89 1.22
C ASN B 405 53.11 4.33 0.47
N ILE B 406 53.17 4.65 -0.82
CA ILE B 406 54.30 4.30 -1.66
C ILE B 406 54.69 5.58 -2.41
N THR B 407 55.98 5.83 -2.57
CA THR B 407 56.41 7.03 -3.27
C THR B 407 56.75 6.66 -4.70
N VAL B 408 56.03 7.26 -5.64
CA VAL B 408 56.20 7.00 -7.07
C VAL B 408 56.23 8.33 -7.87
N PRO B 409 56.75 8.29 -9.12
CA PRO B 409 56.73 9.51 -9.94
C PRO B 409 55.29 9.97 -10.22
N LYS B 410 55.10 11.29 -10.22
CA LYS B 410 53.86 11.94 -10.60
C LYS B 410 53.27 11.35 -11.88
N SER B 411 54.12 11.04 -12.84
CA SER B 411 53.69 10.55 -14.14
C SER B 411 52.98 9.20 -14.05
N VAL B 412 53.26 8.47 -12.98
CA VAL B 412 52.65 7.17 -12.70
C VAL B 412 51.49 7.31 -11.69
N ALA B 413 51.69 8.09 -10.63
CA ALA B 413 50.68 8.30 -9.60
C ALA B 413 49.38 8.92 -10.14
N THR B 414 49.50 9.76 -11.16
CA THR B 414 48.34 10.47 -11.73
C THR B 414 47.47 9.53 -12.55
N LYS B 415 47.93 8.30 -12.78
CA LYS B 415 47.24 7.34 -13.64
C LYS B 415 46.58 6.18 -12.89
N VAL B 416 46.85 6.07 -11.59
CA VAL B 416 46.44 4.92 -10.79
C VAL B 416 44.93 4.81 -10.55
N ALA B 417 44.30 5.91 -10.13
CA ALA B 417 42.85 5.90 -9.87
C ALA B 417 42.09 5.52 -11.14
N ALA B 418 42.49 6.07 -12.29
CA ALA B 418 41.78 5.76 -13.54
C ALA B 418 41.97 4.30 -13.91
N LYS B 419 43.12 3.74 -13.58
CA LYS B 419 43.34 2.30 -13.78
C LYS B 419 42.43 1.45 -12.86
N LEU B 420 42.34 1.82 -11.60
CA LEU B 420 41.42 1.12 -10.68
C LEU B 420 39.95 1.25 -11.04
N ASN B 421 39.60 2.37 -11.66
CA ASN B 421 38.24 2.62 -12.08
C ASN B 421 37.84 2.02 -13.42
N ASP B 422 38.82 1.53 -14.18
CA ASP B 422 38.54 0.90 -15.48
C ASP B 422 37.64 -0.32 -15.37
N ILE B 426 38.16 -5.82 -13.17
CA ILE B 426 37.25 -6.57 -12.37
C ILE B 426 37.97 -6.92 -11.12
N SER B 427 37.50 -6.34 -10.03
CA SER B 427 38.24 -6.44 -8.77
CA SER B 427 38.23 -6.43 -8.77
C SER B 427 37.99 -7.77 -8.05
N ALA B 428 39.03 -8.24 -7.34
CA ALA B 428 39.02 -9.52 -6.59
C ALA B 428 38.00 -9.53 -5.44
N SER B 429 37.79 -8.34 -4.87
CA SER B 429 36.74 -8.08 -3.88
CA SER B 429 36.74 -8.10 -3.89
C SER B 429 36.07 -6.76 -4.26
N ARG B 430 34.74 -6.72 -4.22
CA ARG B 430 33.98 -5.53 -4.66
C ARG B 430 34.28 -4.25 -3.88
N LEU B 431 34.65 -3.19 -4.60
CA LEU B 431 35.14 -1.95 -3.99
C LEU B 431 34.05 -0.88 -3.76
N LYS B 432 32.93 -1.03 -4.46
CA LYS B 432 31.82 -0.05 -4.43
C LYS B 432 30.83 -0.30 -3.31
N PRO B 433 29.95 0.68 -2.98
CA PRO B 433 28.82 0.31 -2.10
C PRO B 433 28.09 -0.94 -2.62
N PRO B 434 27.62 -1.83 -1.72
CA PRO B 434 27.11 -3.13 -2.17
C PRO B 434 26.02 -3.08 -3.23
N HIS B 435 25.15 -2.06 -3.19
CA HIS B 435 24.02 -2.00 -4.14
C HIS B 435 24.44 -1.46 -5.52
N GLN B 436 25.70 -1.06 -5.65
CA GLN B 436 26.19 -0.43 -6.88
C GLN B 436 26.60 -1.40 -8.00
N TYR B 437 26.04 -2.62 -8.00
CA TYR B 437 26.24 -3.57 -9.09
C TYR B 437 24.95 -4.03 -9.76
N ASP B 438 23.85 -3.37 -9.37
CA ASP B 438 22.48 -3.69 -9.76
C ASP B 438 21.79 -2.41 -10.27
N LEU B 439 22.52 -1.61 -11.04
CA LEU B 439 21.97 -0.34 -11.45
C LEU B 439 21.17 -0.42 -12.78
N GLN B 440 20.74 -1.63 -13.14
CA GLN B 440 19.83 -1.89 -14.26
C GLN B 440 18.49 -1.19 -14.05
N VAL B 441 17.94 -0.67 -15.15
CA VAL B 441 16.73 0.13 -15.07
C VAL B 441 15.55 -0.46 -15.87
N GLN B 442 14.33 -0.35 -15.32
CA GLN B 442 13.13 -0.97 -15.90
C GLN B 442 11.86 -0.23 -15.49
N LEU B 444 9.63 1.37 -18.65
CA LEU B 444 10.21 1.17 -19.98
C LEU B 444 9.18 1.48 -21.06
N SER B 445 9.16 0.63 -22.09
CA SER B 445 8.20 0.70 -23.19
C SER B 445 7.25 -0.49 -23.10
N THR B 446 7.11 -1.04 -21.89
CA THR B 446 6.06 -2.03 -21.57
C THR B 446 4.83 -1.31 -20.98
N SER B 447 4.96 0.00 -20.81
CA SER B 447 3.88 0.88 -20.35
C SER B 447 2.98 1.31 -21.51
N PRO B 448 1.68 1.54 -21.24
CA PRO B 448 0.79 2.19 -22.22
C PRO B 448 1.33 3.54 -22.71
N HIS B 449 0.84 3.99 -23.86
CA HIS B 449 1.32 5.24 -24.48
C HIS B 449 0.95 6.50 -23.69
N GLN B 450 -0.11 6.42 -22.88
CA GLN B 450 -0.52 7.56 -22.05
C GLN B 450 0.02 7.56 -20.61
N ALA B 451 0.95 6.65 -20.32
CA ALA B 451 1.67 6.63 -19.05
C ALA B 451 2.54 7.86 -18.84
N HIS B 452 2.40 8.53 -17.70
CA HIS B 452 3.12 9.75 -17.40
C HIS B 452 3.54 9.82 -15.93
N PHE B 453 4.58 10.59 -15.63
CA PHE B 453 4.94 10.92 -14.25
C PHE B 453 4.00 11.97 -13.67
N GLU B 454 3.71 11.85 -12.38
CA GLU B 454 3.00 12.90 -11.65
C GLU B 454 3.93 13.47 -10.58
N MET B 455 3.88 14.76 -10.32
CA MET B 455 4.47 15.36 -9.10
CA MET B 455 4.30 15.26 -9.02
C MET B 455 3.56 14.91 -7.80
N GLN B 456 3.94 13.72 -7.44
CA GLN B 456 3.07 12.93 -6.60
C GLN B 456 3.49 13.03 -5.14
N GLU B 457 3.77 14.26 -4.69
CA GLU B 457 4.48 14.51 -3.43
C GLU B 457 3.74 14.06 -2.16
N LYS B 458 2.62 13.39 -2.37
CA LYS B 458 1.90 12.73 -1.29
C LYS B 458 2.48 11.36 -0.96
N LEU B 459 3.10 10.68 -1.94
CA LEU B 459 3.75 9.40 -1.67
C LEU B 459 5.11 9.63 -1.03
N PRO B 460 5.52 8.75 -0.09
CA PRO B 460 6.85 8.89 0.49
C PRO B 460 7.91 8.46 -0.52
N LYS B 461 9.10 9.01 -0.40
CA LYS B 461 10.22 8.60 -1.27
C LYS B 461 10.68 7.21 -0.82
N GLY B 462 10.96 6.34 -1.77
CA GLY B 462 11.42 5.00 -1.40
C GLY B 462 11.60 4.12 -2.61
N TYR B 463 11.57 2.81 -2.38
CA TYR B 463 11.94 1.86 -3.42
C TYR B 463 10.79 1.49 -4.32
N VAL B 464 11.05 1.47 -5.63
CA VAL B 464 10.20 0.75 -6.57
C VAL B 464 11.09 -0.35 -7.16
N THR B 465 10.83 -1.56 -6.72
CA THR B 465 11.69 -2.71 -6.98
C THR B 465 11.15 -3.42 -8.21
N HIS B 466 12.05 -3.75 -9.14
CA HIS B 466 11.74 -4.54 -10.31
C HIS B 466 12.48 -5.88 -10.21
N ASP B 467 11.74 -6.98 -10.09
CA ASP B 467 12.36 -8.29 -9.90
C ASP B 467 11.71 -9.28 -10.87
N ASP B 468 11.93 -10.58 -10.68
CA ASP B 468 11.36 -11.62 -11.56
C ASP B 468 9.84 -11.71 -11.49
N PHE B 469 9.24 -11.18 -10.42
CA PHE B 469 7.77 -11.17 -10.34
C PHE B 469 7.14 -9.82 -10.71
N GLY B 470 7.93 -8.89 -11.25
CA GLY B 470 7.37 -7.62 -11.72
C GLY B 470 7.75 -6.48 -10.82
N ALA B 471 6.88 -5.48 -10.70
CA ALA B 471 7.20 -4.28 -9.93
C ALA B 471 6.24 -4.03 -8.77
N ASP B 472 5.55 -5.07 -8.33
CA ASP B 472 4.54 -4.93 -7.28
C ASP B 472 4.96 -5.47 -5.88
N GLY B 473 6.25 -5.66 -5.67
CA GLY B 473 6.73 -6.31 -4.43
C GLY B 473 6.69 -5.44 -3.21
N ASP B 474 6.97 -4.15 -3.40
CA ASP B 474 7.01 -3.20 -2.27
C ASP B 474 5.61 -3.06 -1.65
N ASP B 475 5.55 -3.13 -0.32
CA ASP B 475 4.28 -3.12 0.39
C ASP B 475 3.65 -1.72 0.43
N THR B 476 4.40 -0.72 -0.01
CA THR B 476 3.99 0.67 0.08
C THR B 476 4.28 1.32 -1.27
N LEU B 477 3.36 2.17 -1.73
CA LEU B 477 3.54 2.92 -2.99
C LEU B 477 4.47 4.11 -2.73
N HIS B 478 5.54 4.22 -3.51
CA HIS B 478 6.56 5.24 -3.23
C HIS B 478 6.79 6.10 -4.46
N ARG B 479 7.34 7.28 -4.24
CA ARG B 479 8.03 8.01 -5.28
C ARG B 479 9.41 7.33 -5.42
N ALA B 480 9.69 6.70 -6.57
CA ALA B 480 10.93 5.91 -6.76
C ALA B 480 12.23 6.71 -6.59
N VAL B 481 13.12 6.23 -5.72
CA VAL B 481 14.47 6.83 -5.58
CA VAL B 481 14.46 6.81 -5.55
C VAL B 481 15.39 6.36 -6.69
N VAL B 482 16.24 7.26 -7.18
CA VAL B 482 17.13 6.98 -8.31
C VAL B 482 18.60 7.21 -7.90
N ASN B 483 19.49 6.31 -8.32
CA ASN B 483 20.94 6.44 -8.04
C ASN B 483 21.77 6.69 -9.29
N PHE B 484 22.85 7.47 -9.14
CA PHE B 484 23.90 7.57 -10.15
C PHE B 484 24.91 6.46 -9.92
N PRO B 485 25.53 5.94 -11.00
CA PRO B 485 26.69 5.07 -10.81
C PRO B 485 27.86 5.81 -10.16
N VAL B 486 28.54 5.15 -9.21
CA VAL B 486 29.76 5.69 -8.64
C VAL B 486 30.95 4.79 -9.02
N PRO B 487 32.17 5.35 -9.08
CA PRO B 487 33.30 4.53 -9.50
C PRO B 487 33.83 3.65 -8.35
N ASN B 488 34.79 2.78 -8.65
CA ASN B 488 35.43 1.96 -7.60
C ASN B 488 36.11 2.82 -6.56
N VAL B 489 36.85 3.84 -7.00
CA VAL B 489 37.61 4.66 -6.08
C VAL B 489 37.49 6.12 -6.39
N ILE B 490 37.71 6.95 -5.39
CA ILE B 490 37.88 8.39 -5.60
C ILE B 490 39.31 8.79 -5.19
N GLN B 491 39.81 9.92 -5.70
CA GLN B 491 41.12 10.41 -5.30
C GLN B 491 41.06 11.87 -4.85
N SER B 492 41.95 12.23 -3.92
CA SER B 492 42.15 13.61 -3.49
C SER B 492 43.56 14.01 -3.90
N VAL B 493 43.67 15.00 -4.77
CA VAL B 493 44.94 15.33 -5.40
C VAL B 493 45.48 16.57 -4.73
N GLU B 494 46.71 16.46 -4.21
CA GLU B 494 47.38 17.58 -3.59
C GLU B 494 48.79 17.69 -4.14
N ILE B 495 48.92 18.36 -5.28
CA ILE B 495 50.21 18.52 -5.94
C ILE B 495 50.48 20.01 -6.10
N ASN B 496 51.74 20.36 -6.32
CA ASN B 496 52.13 21.76 -6.33
C ASN B 496 52.05 22.34 -7.73
N ASP B 497 52.19 21.46 -8.72
CA ASP B 497 52.14 21.82 -10.12
C ASP B 497 51.99 20.54 -10.95
N GLU B 498 52.18 20.68 -12.25
CA GLU B 498 52.02 19.61 -13.22
C GLU B 498 53.35 18.94 -13.55
N VAL B 499 54.42 19.36 -12.87
CA VAL B 499 55.78 18.85 -13.13
C VAL B 499 56.06 17.50 -12.48
N ASP B 500 56.60 16.56 -13.27
CA ASP B 500 56.95 15.24 -12.76
C ASP B 500 57.95 15.30 -11.60
N SER B 501 57.53 14.78 -10.46
CA SER B 501 58.31 14.82 -9.22
C SER B 501 57.81 13.65 -8.38
N PRO B 502 58.56 13.25 -7.33
CA PRO B 502 58.04 12.15 -6.50
C PRO B 502 56.74 12.52 -5.79
N VAL B 503 55.83 11.56 -5.73
CA VAL B 503 54.52 11.78 -5.15
C VAL B 503 54.24 10.61 -4.22
N ASN B 504 53.70 10.89 -3.05
CA ASN B 504 53.17 9.84 -2.19
C ASN B 504 51.77 9.42 -2.64
N LEU B 505 51.65 8.17 -3.05
CA LEU B 505 50.36 7.56 -3.26
C LEU B 505 49.96 7.00 -1.90
N VAL B 506 48.94 7.64 -1.29
CA VAL B 506 48.42 7.30 0.04
C VAL B 506 47.07 6.59 -0.07
N PHE B 507 46.93 5.43 0.55
CA PHE B 507 45.72 4.63 0.43
C PHE B 507 45.47 3.74 1.65
N TYR B 508 44.27 3.16 1.74
CA TYR B 508 43.96 2.18 2.78
C TYR B 508 44.86 0.96 2.66
N SER B 509 45.35 0.48 3.79
CA SER B 509 46.17 -0.74 3.83
C SER B 509 45.54 -1.90 3.04
N PHE B 510 44.24 -2.11 3.21
CA PHE B 510 43.56 -3.22 2.53
C PHE B 510 43.52 -3.14 0.99
N ILE B 511 43.62 -1.94 0.42
CA ILE B 511 43.65 -1.84 -1.03
C ILE B 511 45.06 -1.93 -1.66
N THR B 512 46.06 -2.26 -0.84
CA THR B 512 47.43 -2.50 -1.32
C THR B 512 47.51 -3.42 -2.56
N PRO B 513 46.85 -4.60 -2.53
CA PRO B 513 46.89 -5.43 -3.73
C PRO B 513 46.35 -4.77 -5.01
N ASN B 514 45.29 -3.95 -4.87
CA ASN B 514 44.71 -3.24 -6.00
C ASN B 514 45.70 -2.22 -6.58
N ILE B 515 46.33 -1.45 -5.69
CA ILE B 515 47.37 -0.48 -6.07
C ILE B 515 48.56 -1.14 -6.75
N ILE B 516 49.00 -2.27 -6.19
CA ILE B 516 50.09 -3.08 -6.76
C ILE B 516 49.71 -3.54 -8.16
N TRP B 517 48.48 -4.03 -8.32
CA TRP B 517 47.97 -4.44 -9.63
C TRP B 517 47.97 -3.27 -10.63
N ALA B 518 47.52 -2.09 -10.20
CA ALA B 518 47.43 -0.92 -11.07
C ALA B 518 48.80 -0.47 -11.56
N LEU B 519 49.76 -0.36 -10.63
CA LEU B 519 51.13 0.00 -10.96
C LEU B 519 51.76 -0.96 -11.99
N LYS B 520 51.44 -2.26 -11.87
CA LYS B 520 51.92 -3.26 -12.81
C LYS B 520 51.28 -3.12 -14.19
N GLU B 521 49.97 -2.86 -14.22
CA GLU B 521 49.26 -2.51 -15.47
C GLU B 521 49.86 -1.30 -16.16
N LEU B 522 50.39 -0.36 -15.37
CA LEU B 522 51.04 0.86 -15.86
C LEU B 522 52.51 0.64 -16.23
N ASN B 523 52.95 -0.62 -16.18
CA ASN B 523 54.34 -1.05 -16.42
C ASN B 523 55.34 -0.38 -15.49
N PHE B 524 54.93 -0.19 -14.24
CA PHE B 524 55.81 0.41 -13.27
C PHE B 524 56.37 -0.66 -12.36
N SER B 525 57.60 -1.06 -12.66
CA SER B 525 58.34 -2.07 -11.89
C SER B 525 58.96 -1.44 -10.65
N THR B 526 58.58 -1.98 -9.50
CA THR B 526 59.29 -1.76 -8.24
C THR B 526 58.87 -2.86 -7.27
N GLU B 527 59.81 -3.27 -6.41
CA GLU B 527 59.48 -4.17 -5.30
C GLU B 527 59.56 -3.38 -3.99
N GLN B 528 59.25 -2.09 -4.09
CA GLN B 528 59.08 -1.22 -2.94
C GLN B 528 57.77 -1.58 -2.24
N VAL B 529 57.85 -1.74 -0.93
CA VAL B 529 56.68 -2.03 -0.09
C VAL B 529 56.06 -0.74 0.43
N PRO B 530 54.73 -0.74 0.66
CA PRO B 530 54.12 0.39 1.36
C PRO B 530 54.55 0.50 2.82
N THR B 531 54.90 1.72 3.24
CA THR B 531 55.22 1.99 4.62
C THR B 531 54.03 2.69 5.28
N PRO B 532 53.79 2.44 6.57
CA PRO B 532 52.96 3.25 7.46
C PRO B 532 52.91 4.73 7.11
N TYR B 533 51.71 5.24 6.82
CA TYR B 533 51.53 6.66 6.54
C TYR B 533 50.80 7.36 7.68
N SER B 534 49.69 6.76 8.12
CA SER B 534 48.85 7.40 9.17
C SER B 534 47.94 6.41 9.88
N ASP B 535 47.62 6.75 11.12
CA ASP B 535 46.81 5.88 11.98
CA ASP B 535 46.83 5.91 12.03
C ASP B 535 45.42 6.48 12.22
N ILE B 536 45.24 7.73 11.79
CA ILE B 536 43.99 8.46 11.91
C ILE B 536 42.95 7.89 10.93
N TYR B 537 41.86 7.35 11.47
CA TYR B 537 40.80 6.77 10.65
C TYR B 537 40.02 7.86 9.94
N LEU B 538 39.42 7.52 8.80
CA LEU B 538 38.58 8.47 8.06
C LEU B 538 37.45 9.01 8.94
N GLY B 539 36.84 8.13 9.72
CA GLY B 539 35.80 8.57 10.66
C GLY B 539 36.28 9.67 11.61
N THR B 540 37.53 9.57 12.07
CA THR B 540 38.12 10.61 12.95
C THR B 540 38.26 11.93 12.21
N LEU B 541 38.82 11.88 10.99
CA LEU B 541 38.91 13.04 10.11
C LEU B 541 37.56 13.72 9.89
N LEU B 542 36.50 12.93 9.70
CA LEU B 542 35.14 13.44 9.51
C LEU B 542 34.63 14.12 10.76
N ASN B 543 34.79 13.47 11.91
CA ASN B 543 34.46 14.07 13.22
C ASN B 543 35.10 15.44 13.43
N GLU B 544 36.41 15.50 13.19
CA GLU B 544 37.18 16.73 13.41
C GLU B 544 36.79 17.81 12.43
N PHE B 545 36.48 17.41 11.19
CA PHE B 545 35.92 18.34 10.20
C PHE B 545 34.61 18.96 10.67
N VAL B 546 33.68 18.13 11.16
CA VAL B 546 32.36 18.60 11.56
C VAL B 546 32.41 19.50 12.80
N ALA B 547 33.26 19.11 13.75
CA ALA B 547 33.50 19.86 14.98
C ALA B 547 34.01 21.28 14.73
N ASN B 548 34.92 21.44 13.75
CA ASN B 548 35.43 22.75 13.39
C ASN B 548 34.43 23.52 12.52
#